data_2EM8
#
_entry.id   2EM8
#
loop_
_entity.id
_entity.type
_entity.pdbx_description
1 polymer 'Zinc finger protein 224'
2 non-polymer 'ZINC ION'
#
_entity_poly.entity_id   1
_entity_poly.type   'polypeptide(L)'
_entity_poly.pdbx_seq_one_letter_code
;GSSGSSGSGEKPYKCVECGKGYKRRLDLDFHQRVHTGEKLSGPSSG
;
_entity_poly.pdbx_strand_id   A
#
loop_
_chem_comp.id
_chem_comp.type
_chem_comp.name
_chem_comp.formula
ZN non-polymer 'ZINC ION' 'Zn 2'
#
# COMPACT_ATOMS: atom_id res chain seq x y z
N GLY A 1 -2.57 -21.17 -14.07
CA GLY A 1 -1.35 -20.80 -13.39
C GLY A 1 -1.55 -19.67 -12.40
N SER A 2 -0.51 -19.33 -11.65
CA SER A 2 -0.59 -18.27 -10.66
C SER A 2 0.36 -17.13 -11.01
N SER A 3 0.40 -16.77 -12.29
CA SER A 3 1.27 -15.70 -12.76
C SER A 3 0.89 -14.37 -12.11
N GLY A 4 1.80 -13.42 -12.16
CA GLY A 4 1.55 -12.11 -11.57
C GLY A 4 1.90 -10.97 -12.51
N SER A 5 1.49 -9.76 -12.14
CA SER A 5 1.78 -8.58 -12.95
C SER A 5 3.24 -8.19 -12.84
N SER A 6 3.95 -8.26 -13.97
CA SER A 6 5.37 -7.91 -14.00
C SER A 6 5.56 -6.42 -13.75
N GLY A 7 5.81 -6.06 -12.48
CA GLY A 7 6.00 -4.67 -12.13
C GLY A 7 7.39 -4.17 -12.53
N SER A 8 7.44 -2.94 -13.03
CA SER A 8 8.70 -2.34 -13.45
C SER A 8 9.00 -1.09 -12.64
N GLY A 9 10.24 -0.96 -12.18
CA GLY A 9 10.64 0.21 -11.41
C GLY A 9 10.66 -0.08 -9.92
N GLU A 10 11.84 0.06 -9.32
CA GLU A 10 12.01 -0.19 -7.89
C GLU A 10 11.76 1.09 -7.09
N LYS A 11 11.03 0.95 -5.98
CA LYS A 11 10.73 2.09 -5.13
C LYS A 11 11.41 1.95 -3.77
N PRO A 12 11.86 3.08 -3.22
CA PRO A 12 12.53 3.11 -1.92
C PRO A 12 11.58 2.80 -0.76
N TYR A 13 10.38 3.37 -0.82
CA TYR A 13 9.38 3.16 0.22
C TYR A 13 8.36 2.11 -0.22
N LYS A 14 7.94 1.28 0.72
CA LYS A 14 6.95 0.24 0.44
C LYS A 14 5.99 0.06 1.60
N CYS A 15 4.69 -0.02 1.29
CA CYS A 15 3.68 -0.19 2.33
C CYS A 15 3.92 -1.46 3.12
N VAL A 16 3.37 -1.51 4.33
CA VAL A 16 3.52 -2.67 5.20
C VAL A 16 2.23 -3.47 5.28
N GLU A 17 1.12 -2.83 4.94
CA GLU A 17 -0.19 -3.49 4.96
C GLU A 17 -0.37 -4.36 3.73
N CYS A 18 -0.12 -3.79 2.56
CA CYS A 18 -0.26 -4.51 1.31
C CYS A 18 1.10 -4.83 0.70
N GLY A 19 2.03 -3.87 0.80
CA GLY A 19 3.36 -4.07 0.26
C GLY A 19 3.61 -3.25 -0.99
N LYS A 20 2.79 -2.23 -1.20
CA LYS A 20 2.92 -1.36 -2.36
C LYS A 20 4.28 -0.66 -2.37
N GLY A 21 4.50 0.20 -3.36
CA GLY A 21 5.76 0.91 -3.45
C GLY A 21 5.58 2.30 -4.04
N TYR A 22 6.05 3.31 -3.32
CA TYR A 22 5.94 4.69 -3.77
C TYR A 22 7.32 5.34 -3.83
N LYS A 23 7.58 6.05 -4.94
CA LYS A 23 8.85 6.72 -5.13
C LYS A 23 9.11 7.73 -4.01
N ARG A 24 8.06 8.42 -3.58
CA ARG A 24 8.18 9.41 -2.51
C ARG A 24 7.34 9.00 -1.31
N ARG A 25 7.95 9.00 -0.13
CA ARG A 25 7.26 8.63 1.09
C ARG A 25 5.92 9.35 1.20
N LEU A 26 5.96 10.68 1.15
CA LEU A 26 4.75 11.49 1.23
C LEU A 26 3.58 10.78 0.56
N ASP A 27 3.80 10.30 -0.66
CA ASP A 27 2.77 9.61 -1.41
C ASP A 27 2.22 8.41 -0.63
N LEU A 28 3.13 7.54 -0.20
CA LEU A 28 2.75 6.36 0.57
C LEU A 28 2.06 6.74 1.86
N ASP A 29 2.65 7.68 2.60
CA ASP A 29 2.08 8.14 3.85
C ASP A 29 0.59 8.41 3.71
N PHE A 30 0.20 8.91 2.54
CA PHE A 30 -1.20 9.23 2.27
C PHE A 30 -1.97 7.98 1.86
N HIS A 31 -1.25 6.98 1.34
CA HIS A 31 -1.86 5.73 0.90
C HIS A 31 -2.31 4.91 2.11
N GLN A 32 -1.43 4.74 3.08
CA GLN A 32 -1.74 3.98 4.28
C GLN A 32 -3.13 4.34 4.81
N ARG A 33 -3.59 5.53 4.47
CA ARG A 33 -4.90 6.00 4.91
C ARG A 33 -5.97 4.97 4.61
N VAL A 34 -5.91 4.39 3.42
CA VAL A 34 -6.88 3.38 3.00
C VAL A 34 -6.86 2.18 3.94
N HIS A 35 -5.70 1.91 4.51
CA HIS A 35 -5.54 0.78 5.43
C HIS A 35 -6.09 1.13 6.81
N THR A 36 -5.98 2.41 7.18
CA THR A 36 -6.46 2.88 8.47
C THR A 36 -7.98 2.94 8.51
N GLY A 37 -8.56 3.61 7.52
CA GLY A 37 -10.01 3.73 7.46
C GLY A 37 -10.46 4.92 6.63
N GLU A 38 -11.47 4.71 5.80
CA GLU A 38 -11.99 5.77 4.95
C GLU A 38 -13.47 5.54 4.63
N LYS A 39 -14.28 6.57 4.89
CA LYS A 39 -15.72 6.47 4.63
C LYS A 39 -16.07 7.13 3.29
N LEU A 40 -16.41 6.30 2.30
CA LEU A 40 -16.77 6.80 0.98
C LEU A 40 -18.22 6.46 0.65
N SER A 41 -18.53 5.17 0.66
CA SER A 41 -19.88 4.70 0.36
C SER A 41 -20.90 5.36 1.29
N GLY A 42 -22.18 5.20 0.96
CA GLY A 42 -23.23 5.77 1.79
C GLY A 42 -24.61 5.34 1.34
N PRO A 43 -25.03 5.80 0.15
CA PRO A 43 -26.34 5.48 -0.42
C PRO A 43 -26.44 4.02 -0.84
N SER A 44 -27.56 3.38 -0.52
CA SER A 44 -27.78 1.98 -0.87
C SER A 44 -28.28 1.85 -2.30
N SER A 45 -27.74 0.89 -3.03
CA SER A 45 -28.12 0.65 -4.42
C SER A 45 -29.64 0.53 -4.54
N GLY A 46 -30.15 0.75 -5.75
CA GLY A 46 -31.58 0.66 -5.98
C GLY A 46 -31.93 0.58 -7.46
ZN ZN B . -0.95 -0.43 1.54
N GLY A 1 -2.38 -14.93 -3.63
CA GLY A 1 -2.88 -15.45 -4.88
C GLY A 1 -1.86 -15.39 -6.00
N SER A 2 -2.32 -15.14 -7.21
CA SER A 2 -1.43 -15.06 -8.37
C SER A 2 -0.59 -13.78 -8.33
N SER A 3 0.71 -13.92 -8.53
CA SER A 3 1.61 -12.77 -8.52
C SER A 3 1.67 -12.12 -9.89
N GLY A 4 1.94 -12.93 -10.92
CA GLY A 4 2.02 -12.41 -12.27
C GLY A 4 3.30 -11.61 -12.51
N SER A 5 3.63 -11.39 -13.78
CA SER A 5 4.82 -10.64 -14.13
C SER A 5 4.49 -9.51 -15.10
N SER A 6 4.16 -8.34 -14.56
CA SER A 6 3.81 -7.19 -15.37
C SER A 6 3.85 -5.91 -14.54
N GLY A 7 4.45 -4.86 -15.10
CA GLY A 7 4.55 -3.59 -14.40
C GLY A 7 5.12 -3.75 -13.00
N SER A 8 6.44 -3.80 -12.93
CA SER A 8 7.13 -3.94 -11.64
C SER A 8 8.36 -3.04 -11.56
N GLY A 9 8.26 -1.97 -10.78
CA GLY A 9 9.37 -1.05 -10.64
C GLY A 9 9.81 -0.89 -9.20
N GLU A 10 11.04 -1.30 -8.91
CA GLU A 10 11.57 -1.20 -7.55
C GLU A 10 11.40 0.22 -7.01
N LYS A 11 11.06 0.33 -5.73
CA LYS A 11 10.87 1.62 -5.09
C LYS A 11 11.52 1.64 -3.71
N PRO A 12 11.90 2.84 -3.26
CA PRO A 12 12.54 3.03 -1.94
C PRO A 12 11.57 2.79 -0.79
N TYR A 13 10.38 3.39 -0.89
CA TYR A 13 9.37 3.25 0.15
C TYR A 13 8.30 2.24 -0.27
N LYS A 14 7.80 1.48 0.70
CA LYS A 14 6.77 0.48 0.43
C LYS A 14 5.84 0.33 1.63
N CYS A 15 4.57 0.05 1.36
CA CYS A 15 3.57 -0.11 2.41
C CYS A 15 3.83 -1.41 3.19
N VAL A 16 3.28 -1.47 4.40
CA VAL A 16 3.44 -2.64 5.24
C VAL A 16 2.17 -3.48 5.28
N GLU A 17 1.04 -2.86 4.91
CA GLU A 17 -0.24 -3.55 4.90
C GLU A 17 -0.38 -4.41 3.65
N CYS A 18 -0.08 -3.81 2.49
CA CYS A 18 -0.18 -4.53 1.23
C CYS A 18 1.21 -4.77 0.63
N GLY A 19 2.07 -3.77 0.73
CA GLY A 19 3.42 -3.90 0.20
C GLY A 19 3.63 -3.08 -1.07
N LYS A 20 2.84 -2.03 -1.22
CA LYS A 20 2.94 -1.16 -2.39
C LYS A 20 4.31 -0.51 -2.46
N GLY A 21 4.50 0.34 -3.47
CA GLY A 21 5.78 1.03 -3.63
C GLY A 21 5.60 2.45 -4.14
N TYR A 22 6.12 3.41 -3.37
CA TYR A 22 6.02 4.81 -3.75
C TYR A 22 7.37 5.51 -3.65
N LYS A 23 7.82 6.07 -4.75
CA LYS A 23 9.11 6.76 -4.79
C LYS A 23 9.12 7.91 -3.79
N ARG A 24 7.97 8.52 -3.58
CA ARG A 24 7.85 9.64 -2.65
C ARG A 24 7.17 9.20 -1.35
N ARG A 25 7.97 9.00 -0.31
CA ARG A 25 7.43 8.58 0.98
C ARG A 25 6.11 9.29 1.29
N LEU A 26 6.03 10.57 0.95
CA LEU A 26 4.83 11.35 1.18
C LEU A 26 3.62 10.69 0.51
N ASP A 27 3.81 10.25 -0.73
CA ASP A 27 2.74 9.61 -1.49
C ASP A 27 2.20 8.39 -0.74
N LEU A 28 3.11 7.55 -0.24
CA LEU A 28 2.72 6.35 0.49
C LEU A 28 2.02 6.72 1.79
N ASP A 29 2.60 7.63 2.54
CA ASP A 29 2.03 8.07 3.81
C ASP A 29 0.53 8.32 3.66
N PHE A 30 0.12 8.82 2.50
CA PHE A 30 -1.28 9.10 2.23
C PHE A 30 -2.04 7.83 1.86
N HIS A 31 -1.31 6.85 1.32
CA HIS A 31 -1.91 5.59 0.93
C HIS A 31 -2.31 4.77 2.14
N GLN A 32 -1.39 4.68 3.11
CA GLN A 32 -1.67 3.93 4.34
C GLN A 32 -3.01 4.29 4.92
N ARG A 33 -3.53 5.46 4.56
CA ARG A 33 -4.82 5.92 5.05
C ARG A 33 -5.92 4.92 4.70
N VAL A 34 -5.84 4.35 3.51
CA VAL A 34 -6.82 3.38 3.05
C VAL A 34 -6.83 2.14 3.95
N HIS A 35 -5.76 1.96 4.70
CA HIS A 35 -5.64 0.82 5.60
C HIS A 35 -6.13 1.18 7.00
N THR A 36 -5.84 2.40 7.43
CA THR A 36 -6.25 2.87 8.75
C THR A 36 -7.75 3.17 8.78
N GLY A 37 -8.31 3.54 7.63
CA GLY A 37 -9.72 3.84 7.55
C GLY A 37 -10.58 2.72 8.11
N GLU A 38 -10.21 1.48 7.80
CA GLU A 38 -10.95 0.32 8.27
C GLU A 38 -10.50 -0.10 9.65
N LYS A 39 -11.44 -0.17 10.59
CA LYS A 39 -11.13 -0.56 11.96
C LYS A 39 -10.92 -2.07 12.07
N LEU A 40 -9.70 -2.47 12.37
CA LEU A 40 -9.37 -3.89 12.49
C LEU A 40 -9.86 -4.45 13.83
N SER A 41 -10.26 -5.71 13.83
CA SER A 41 -10.77 -6.36 15.04
C SER A 41 -9.68 -6.43 16.10
N GLY A 42 -9.59 -5.38 16.92
CA GLY A 42 -8.59 -5.35 17.98
C GLY A 42 -7.87 -4.02 18.03
N PRO A 43 -7.55 -3.57 19.26
CA PRO A 43 -6.85 -2.31 19.48
C PRO A 43 -5.40 -2.36 19.02
N SER A 44 -4.93 -3.56 18.68
CA SER A 44 -3.56 -3.75 18.24
C SER A 44 -3.39 -3.29 16.78
N SER A 45 -3.23 -1.98 16.60
CA SER A 45 -3.06 -1.42 15.27
C SER A 45 -2.77 0.08 15.35
N GLY A 46 -2.00 0.57 14.39
CA GLY A 46 -1.66 1.99 14.36
C GLY A 46 -2.87 2.88 14.14
ZN ZN B . -1.06 -0.54 1.69
N GLY A 1 -4.16 -14.11 -19.73
CA GLY A 1 -3.48 -13.85 -18.48
C GLY A 1 -2.97 -12.43 -18.38
N SER A 2 -2.25 -12.12 -17.30
CA SER A 2 -1.72 -10.79 -17.09
C SER A 2 -0.53 -10.82 -16.12
N SER A 3 0.18 -9.71 -16.03
CA SER A 3 1.33 -9.62 -15.14
C SER A 3 1.06 -8.65 -13.99
N GLY A 4 0.54 -7.47 -14.33
CA GLY A 4 0.23 -6.48 -13.32
C GLY A 4 1.45 -5.67 -12.91
N SER A 5 2.27 -5.31 -13.90
CA SER A 5 3.47 -4.53 -13.65
C SER A 5 3.63 -3.41 -14.67
N SER A 6 3.73 -2.19 -14.19
CA SER A 6 3.88 -1.03 -15.06
C SER A 6 5.31 -0.50 -15.03
N GLY A 7 6.28 -1.41 -15.03
CA GLY A 7 7.67 -1.02 -15.00
C GLY A 7 7.97 -0.05 -13.88
N SER A 8 7.42 -0.32 -12.69
CA SER A 8 7.63 0.54 -11.54
C SER A 8 9.08 0.46 -11.05
N GLY A 9 9.57 -0.77 -10.88
CA GLY A 9 10.92 -0.97 -10.42
C GLY A 9 11.02 -1.04 -8.91
N GLU A 10 12.25 -1.04 -8.39
CA GLU A 10 12.47 -1.11 -6.95
C GLU A 10 12.31 0.26 -6.31
N LYS A 11 11.16 0.50 -5.70
CA LYS A 11 10.89 1.77 -5.04
C LYS A 11 11.56 1.84 -3.67
N PRO A 12 11.87 3.06 -3.23
CA PRO A 12 12.52 3.30 -1.94
C PRO A 12 11.61 2.99 -0.77
N TYR A 13 10.39 3.51 -0.82
CA TYR A 13 9.42 3.29 0.25
C TYR A 13 8.38 2.26 -0.17
N LYS A 14 7.97 1.42 0.78
CA LYS A 14 6.98 0.38 0.53
C LYS A 14 6.01 0.25 1.69
N CYS A 15 4.74 -0.01 1.37
CA CYS A 15 3.71 -0.16 2.38
C CYS A 15 3.89 -1.46 3.17
N VAL A 16 3.40 -1.47 4.40
CA VAL A 16 3.51 -2.65 5.25
C VAL A 16 2.17 -3.39 5.32
N GLU A 17 1.12 -2.75 4.84
CA GLU A 17 -0.21 -3.34 4.86
C GLU A 17 -0.43 -4.23 3.64
N CYS A 18 0.03 -3.77 2.48
CA CYS A 18 -0.12 -4.51 1.24
C CYS A 18 1.24 -4.76 0.60
N GLY A 19 2.11 -3.76 0.67
CA GLY A 19 3.44 -3.90 0.09
C GLY A 19 3.63 -3.03 -1.14
N LYS A 20 2.73 -2.08 -1.33
CA LYS A 20 2.80 -1.17 -2.47
C LYS A 20 4.10 -0.36 -2.44
N GLY A 21 4.62 -0.04 -3.63
CA GLY A 21 5.84 0.73 -3.71
C GLY A 21 5.61 2.14 -4.23
N TYR A 22 6.12 3.12 -3.51
CA TYR A 22 5.96 4.51 -3.90
C TYR A 22 7.32 5.19 -4.08
N LYS A 23 7.39 6.11 -5.03
CA LYS A 23 8.62 6.84 -5.31
C LYS A 23 9.02 7.72 -4.13
N ARG A 24 8.02 8.31 -3.48
CA ARG A 24 8.26 9.19 -2.34
C ARG A 24 7.51 8.69 -1.11
N ARG A 25 8.00 9.06 0.07
CA ARG A 25 7.37 8.65 1.32
C ARG A 25 6.05 9.38 1.53
N LEU A 26 6.00 10.64 1.13
CA LEU A 26 4.79 11.45 1.28
C LEU A 26 3.60 10.77 0.61
N ASP A 27 3.81 10.30 -0.62
CA ASP A 27 2.76 9.63 -1.38
C ASP A 27 2.23 8.43 -0.62
N LEU A 28 3.12 7.49 -0.30
CA LEU A 28 2.74 6.29 0.44
C LEU A 28 2.10 6.65 1.77
N ASP A 29 2.65 7.65 2.44
CA ASP A 29 2.13 8.09 3.73
C ASP A 29 0.62 8.38 3.63
N PHE A 30 0.19 8.86 2.47
CA PHE A 30 -1.21 9.18 2.26
C PHE A 30 -1.99 7.94 1.82
N HIS A 31 -1.27 6.93 1.37
CA HIS A 31 -1.89 5.69 0.93
C HIS A 31 -2.38 4.86 2.12
N GLN A 32 -1.53 4.73 3.13
CA GLN A 32 -1.89 3.97 4.32
C GLN A 32 -3.26 4.36 4.84
N ARG A 33 -3.70 5.56 4.45
CA ARG A 33 -5.01 6.05 4.88
C ARG A 33 -6.09 5.00 4.68
N VAL A 34 -6.07 4.35 3.52
CA VAL A 34 -7.04 3.31 3.21
C VAL A 34 -6.96 2.17 4.21
N HIS A 35 -5.75 1.85 4.65
CA HIS A 35 -5.54 0.77 5.61
C HIS A 35 -6.00 1.19 7.00
N THR A 36 -5.77 2.45 7.35
CA THR A 36 -6.16 2.98 8.65
C THR A 36 -7.68 3.15 8.74
N GLY A 37 -8.37 2.10 9.15
CA GLY A 37 -9.81 2.16 9.27
C GLY A 37 -10.51 2.08 7.93
N GLU A 38 -10.44 0.91 7.31
CA GLU A 38 -11.06 0.70 6.01
C GLU A 38 -12.58 0.66 6.13
N LYS A 39 -13.06 0.19 7.29
CA LYS A 39 -14.50 0.10 7.54
C LYS A 39 -14.85 0.75 8.87
N LEU A 40 -16.08 1.24 8.98
CA LEU A 40 -16.56 1.88 10.19
C LEU A 40 -17.03 0.84 11.22
N SER A 41 -17.05 1.24 12.48
CA SER A 41 -17.48 0.35 13.55
C SER A 41 -18.99 0.42 13.75
N GLY A 42 -19.66 -0.70 13.55
CA GLY A 42 -21.11 -0.74 13.71
C GLY A 42 -21.67 -2.13 13.54
N PRO A 43 -21.57 -2.67 12.31
CA PRO A 43 -22.08 -4.00 11.99
C PRO A 43 -21.26 -5.11 12.65
N SER A 44 -19.94 -4.95 12.62
CA SER A 44 -19.04 -5.94 13.21
C SER A 44 -17.61 -5.41 13.28
N SER A 45 -16.85 -5.91 14.25
CA SER A 45 -15.47 -5.48 14.42
C SER A 45 -14.65 -6.56 15.14
N GLY A 46 -13.52 -6.92 14.54
CA GLY A 46 -12.66 -7.93 15.13
C GLY A 46 -12.08 -8.87 14.09
ZN ZN B . -0.92 -0.52 1.58
N GLY A 1 -4.03 -15.47 -17.51
CA GLY A 1 -3.38 -14.17 -17.42
C GLY A 1 -3.68 -13.47 -16.11
N SER A 2 -3.16 -14.01 -15.01
CA SER A 2 -3.39 -13.43 -13.70
C SER A 2 -3.30 -11.92 -13.75
N SER A 3 -4.44 -11.26 -13.54
CA SER A 3 -4.51 -9.80 -13.58
C SER A 3 -4.23 -9.22 -12.20
N GLY A 4 -3.41 -8.17 -12.15
CA GLY A 4 -3.08 -7.54 -10.90
C GLY A 4 -1.90 -6.59 -11.01
N SER A 5 -1.09 -6.53 -9.96
CA SER A 5 0.07 -5.64 -9.95
C SER A 5 1.35 -6.42 -10.22
N SER A 6 2.03 -6.08 -11.32
CA SER A 6 3.26 -6.76 -11.69
C SER A 6 4.46 -5.81 -11.57
N GLY A 7 5.62 -6.37 -11.27
CA GLY A 7 6.82 -5.57 -11.13
C GLY A 7 6.98 -4.56 -12.26
N SER A 8 6.72 -3.29 -11.96
CA SER A 8 6.83 -2.24 -12.96
C SER A 8 8.08 -1.39 -12.73
N GLY A 9 8.28 -0.98 -11.47
CA GLY A 9 9.44 -0.18 -11.12
C GLY A 9 9.94 -0.44 -9.73
N GLU A 10 11.08 0.15 -9.38
CA GLU A 10 11.66 -0.03 -8.06
C GLU A 10 11.49 1.23 -7.22
N LYS A 11 11.00 1.06 -5.99
CA LYS A 11 10.78 2.19 -5.09
C LYS A 11 11.39 1.89 -3.72
N PRO A 12 11.98 2.93 -3.10
CA PRO A 12 12.60 2.81 -1.77
C PRO A 12 11.58 2.62 -0.67
N TYR A 13 10.47 3.35 -0.74
CA TYR A 13 9.42 3.26 0.26
C TYR A 13 8.35 2.27 -0.18
N LYS A 14 7.87 1.47 0.76
CA LYS A 14 6.83 0.48 0.47
C LYS A 14 5.87 0.34 1.65
N CYS A 15 4.61 0.03 1.35
CA CYS A 15 3.60 -0.13 2.39
C CYS A 15 3.85 -1.41 3.19
N VAL A 16 3.28 -1.46 4.39
CA VAL A 16 3.44 -2.63 5.26
C VAL A 16 2.17 -3.47 5.28
N GLU A 17 1.05 -2.85 4.90
CA GLU A 17 -0.23 -3.54 4.88
C GLU A 17 -0.36 -4.42 3.64
N CYS A 18 -0.14 -3.81 2.48
CA CYS A 18 -0.23 -4.53 1.21
C CYS A 18 1.16 -4.78 0.62
N GLY A 19 2.05 -3.81 0.77
CA GLY A 19 3.39 -3.94 0.25
C GLY A 19 3.61 -3.14 -1.01
N LYS A 20 2.78 -2.12 -1.22
CA LYS A 20 2.89 -1.27 -2.40
C LYS A 20 4.24 -0.59 -2.46
N GLY A 21 4.45 0.25 -3.48
CA GLY A 21 5.70 0.96 -3.62
C GLY A 21 5.51 2.39 -4.10
N TYR A 22 6.15 3.32 -3.41
CA TYR A 22 6.03 4.73 -3.77
C TYR A 22 7.40 5.42 -3.73
N LYS A 23 7.78 6.04 -4.84
CA LYS A 23 9.06 6.72 -4.93
C LYS A 23 9.14 7.86 -3.92
N ARG A 24 7.99 8.46 -3.61
CA ARG A 24 7.94 9.55 -2.65
C ARG A 24 7.21 9.12 -1.38
N ARG A 25 7.97 8.90 -0.31
CA ARG A 25 7.39 8.49 0.97
C ARG A 25 6.09 9.23 1.24
N LEU A 26 6.07 10.52 0.91
CA LEU A 26 4.88 11.34 1.12
C LEU A 26 3.65 10.70 0.49
N ASP A 27 3.81 10.22 -0.74
CA ASP A 27 2.71 9.57 -1.45
C ASP A 27 2.21 8.35 -0.69
N LEU A 28 3.14 7.53 -0.23
CA LEU A 28 2.78 6.32 0.51
C LEU A 28 2.07 6.67 1.81
N ASP A 29 2.64 7.61 2.56
CA ASP A 29 2.05 8.03 3.83
C ASP A 29 0.56 8.31 3.67
N PHE A 30 0.18 8.85 2.51
CA PHE A 30 -1.21 9.17 2.24
C PHE A 30 -1.99 7.91 1.83
N HIS A 31 -1.25 6.90 1.35
CA HIS A 31 -1.87 5.65 0.92
C HIS A 31 -2.33 4.84 2.13
N GLN A 32 -1.46 4.71 3.13
CA GLN A 32 -1.77 3.95 4.33
C GLN A 32 -3.15 4.33 4.85
N ARG A 33 -3.63 5.51 4.48
CA ARG A 33 -4.93 5.99 4.92
C ARG A 33 -6.01 4.95 4.65
N VAL A 34 -5.94 4.31 3.48
CA VAL A 34 -6.91 3.29 3.11
C VAL A 34 -6.83 2.10 4.05
N HIS A 35 -5.69 1.93 4.71
CA HIS A 35 -5.49 0.83 5.63
C HIS A 35 -5.94 1.21 7.04
N THR A 36 -5.78 2.48 7.39
CA THR A 36 -6.16 2.97 8.70
C THR A 36 -7.66 3.25 8.76
N GLY A 37 -8.47 2.24 8.47
CA GLY A 37 -9.91 2.40 8.50
C GLY A 37 -10.64 1.09 8.25
N GLU A 38 -11.21 0.53 9.30
CA GLU A 38 -11.94 -0.73 9.20
C GLU A 38 -11.03 -1.86 8.76
N LYS A 39 -9.93 -2.04 9.49
CA LYS A 39 -8.96 -3.09 9.17
C LYS A 39 -9.00 -4.20 10.22
N LEU A 40 -9.10 -5.43 9.76
CA LEU A 40 -9.14 -6.59 10.65
C LEU A 40 -7.90 -6.63 11.54
N SER A 41 -6.77 -6.23 10.99
CA SER A 41 -5.51 -6.23 11.72
C SER A 41 -5.20 -4.83 12.25
N GLY A 42 -4.38 -4.78 13.31
CA GLY A 42 -4.01 -3.50 13.89
C GLY A 42 -3.67 -3.62 15.37
N PRO A 43 -2.65 -2.86 15.80
CA PRO A 43 -2.20 -2.87 17.19
C PRO A 43 -3.21 -2.22 18.13
N SER A 44 -4.34 -1.81 17.58
CA SER A 44 -5.39 -1.16 18.37
C SER A 44 -5.45 -1.75 19.77
N SER A 45 -5.43 -0.89 20.77
CA SER A 45 -5.47 -1.32 22.17
C SER A 45 -6.32 -0.37 23.01
N GLY A 46 -6.60 -0.77 24.24
CA GLY A 46 -7.39 0.06 25.13
C GLY A 46 -8.59 0.69 24.42
ZN ZN B . -1.01 -0.55 1.56
N GLY A 1 12.46 -7.46 -24.72
CA GLY A 1 12.73 -8.30 -23.58
C GLY A 1 11.74 -9.45 -23.46
N SER A 2 11.95 -10.32 -22.48
CA SER A 2 11.07 -11.47 -22.27
C SER A 2 10.44 -11.42 -20.89
N SER A 3 10.01 -10.23 -20.48
CA SER A 3 9.40 -10.04 -19.17
C SER A 3 8.01 -9.41 -19.30
N GLY A 4 7.02 -10.02 -18.68
CA GLY A 4 5.66 -9.50 -18.73
C GLY A 4 4.96 -9.56 -17.39
N SER A 5 3.94 -8.73 -17.23
CA SER A 5 3.18 -8.69 -15.98
C SER A 5 4.10 -8.84 -14.78
N SER A 6 5.25 -8.18 -14.83
CA SER A 6 6.23 -8.24 -13.76
C SER A 6 6.62 -6.85 -13.29
N GLY A 7 6.90 -6.72 -12.00
CA GLY A 7 7.29 -5.43 -11.45
C GLY A 7 8.42 -4.79 -12.21
N SER A 8 8.52 -3.46 -12.12
CA SER A 8 9.56 -2.72 -12.82
C SER A 8 10.28 -1.75 -11.88
N GLY A 9 11.58 -1.92 -11.74
CA GLY A 9 12.35 -1.05 -10.86
C GLY A 9 11.98 -1.23 -9.41
N GLU A 10 12.93 -0.95 -8.51
CA GLU A 10 12.70 -1.08 -7.08
C GLU A 10 12.46 0.28 -6.45
N LYS A 11 11.41 0.38 -5.64
CA LYS A 11 11.07 1.63 -4.97
C LYS A 11 11.69 1.69 -3.57
N PRO A 12 12.01 2.90 -3.12
CA PRO A 12 12.61 3.11 -1.80
C PRO A 12 11.62 2.84 -0.67
N TYR A 13 10.45 3.45 -0.75
CA TYR A 13 9.42 3.27 0.26
C TYR A 13 8.42 2.20 -0.15
N LYS A 14 8.02 1.37 0.81
CA LYS A 14 7.06 0.31 0.56
C LYS A 14 6.04 0.19 1.69
N CYS A 15 4.78 0.02 1.32
CA CYS A 15 3.71 -0.10 2.30
C CYS A 15 3.86 -1.38 3.11
N VAL A 16 3.30 -1.37 4.32
CA VAL A 16 3.38 -2.53 5.20
C VAL A 16 2.06 -3.29 5.23
N GLU A 17 1.00 -2.64 4.78
CA GLU A 17 -0.32 -3.25 4.75
C GLU A 17 -0.49 -4.12 3.50
N CYS A 18 -0.10 -3.58 2.35
CA CYS A 18 -0.20 -4.30 1.09
C CYS A 18 1.18 -4.69 0.57
N GLY A 19 2.12 -3.76 0.66
CA GLY A 19 3.47 -4.02 0.19
C GLY A 19 3.77 -3.35 -1.13
N LYS A 20 3.08 -2.25 -1.40
CA LYS A 20 3.28 -1.52 -2.65
C LYS A 20 4.42 -0.52 -2.51
N GLY A 21 5.07 -0.22 -3.64
CA GLY A 21 6.18 0.72 -3.61
C GLY A 21 5.78 2.10 -4.10
N TYR A 22 6.20 3.13 -3.37
CA TYR A 22 5.87 4.50 -3.72
C TYR A 22 7.14 5.32 -3.96
N LYS A 23 7.24 5.93 -5.14
CA LYS A 23 8.39 6.75 -5.48
C LYS A 23 8.69 7.76 -4.39
N ARG A 24 7.64 8.33 -3.80
CA ARG A 24 7.79 9.32 -2.74
C ARG A 24 7.15 8.82 -1.44
N ARG A 25 7.79 9.14 -0.32
CA ARG A 25 7.29 8.73 0.98
C ARG A 25 5.98 9.43 1.31
N LEU A 26 5.91 10.72 0.99
CA LEU A 26 4.71 11.50 1.25
C LEU A 26 3.47 10.85 0.63
N ASP A 27 3.65 10.33 -0.58
CA ASP A 27 2.55 9.67 -1.28
C ASP A 27 2.07 8.45 -0.51
N LEU A 28 3.00 7.56 -0.17
CA LEU A 28 2.67 6.34 0.56
C LEU A 28 2.08 6.68 1.92
N ASP A 29 2.77 7.51 2.69
CA ASP A 29 2.31 7.90 4.01
C ASP A 29 0.82 8.22 3.99
N PHE A 30 0.36 8.83 2.89
CA PHE A 30 -1.04 9.19 2.75
C PHE A 30 -1.86 7.99 2.28
N HIS A 31 -1.20 7.06 1.59
CA HIS A 31 -1.87 5.87 1.08
C HIS A 31 -2.35 4.99 2.23
N GLN A 32 -1.50 4.80 3.22
CA GLN A 32 -1.84 3.98 4.38
C GLN A 32 -3.22 4.34 4.93
N ARG A 33 -3.68 5.54 4.58
CA ARG A 33 -4.98 6.01 5.04
C ARG A 33 -6.08 5.02 4.69
N VAL A 34 -6.01 4.48 3.47
CA VAL A 34 -7.00 3.51 3.00
C VAL A 34 -6.95 2.23 3.84
N HIS A 35 -5.81 2.00 4.49
CA HIS A 35 -5.65 0.82 5.33
C HIS A 35 -6.16 1.07 6.74
N THR A 36 -6.00 2.31 7.20
CA THR A 36 -6.45 2.69 8.54
C THR A 36 -7.95 2.94 8.57
N GLY A 37 -8.46 3.52 7.49
CA GLY A 37 -9.89 3.82 7.40
C GLY A 37 -10.39 4.55 8.63
N GLU A 38 -11.26 3.89 9.40
CA GLU A 38 -11.82 4.48 10.61
C GLU A 38 -11.50 3.64 11.83
N LYS A 39 -10.30 3.79 12.36
CA LYS A 39 -9.87 3.04 13.54
C LYS A 39 -8.68 3.71 14.20
N LEU A 40 -8.49 3.41 15.48
CA LEU A 40 -7.38 3.99 16.24
C LEU A 40 -6.30 2.94 16.51
N SER A 41 -5.42 2.73 15.53
CA SER A 41 -4.35 1.75 15.66
C SER A 41 -3.00 2.40 15.38
N GLY A 42 -2.11 2.38 16.37
CA GLY A 42 -0.79 2.95 16.20
C GLY A 42 -0.24 3.52 17.49
N PRO A 43 0.01 2.64 18.47
CA PRO A 43 0.54 3.04 19.78
C PRO A 43 1.98 3.52 19.69
N SER A 44 2.40 4.32 20.67
CA SER A 44 3.77 4.84 20.70
C SER A 44 4.69 3.92 21.48
N SER A 45 4.53 2.62 21.27
CA SER A 45 5.35 1.63 21.98
C SER A 45 6.46 1.11 21.07
N GLY A 46 7.67 1.06 21.60
CA GLY A 46 8.81 0.59 20.83
C GLY A 46 8.98 -0.91 20.93
ZN ZN B . -0.90 -0.24 1.46
N GLY A 1 3.62 -8.87 -22.78
CA GLY A 1 3.20 -7.50 -23.02
C GLY A 1 3.69 -6.55 -21.95
N SER A 2 4.89 -6.00 -22.14
CA SER A 2 5.47 -5.08 -21.19
C SER A 2 5.12 -3.64 -21.53
N SER A 3 4.79 -2.85 -20.50
CA SER A 3 4.42 -1.46 -20.69
C SER A 3 5.59 -0.66 -21.26
N GLY A 4 6.74 -0.75 -20.59
CA GLY A 4 7.91 -0.03 -21.04
C GLY A 4 8.45 0.91 -19.98
N SER A 5 9.25 0.37 -19.07
CA SER A 5 9.83 1.18 -18.00
C SER A 5 10.75 2.25 -18.56
N SER A 6 10.63 3.46 -18.04
CA SER A 6 11.44 4.58 -18.49
C SER A 6 12.52 4.92 -17.47
N GLY A 7 12.13 4.98 -16.20
CA GLY A 7 13.08 5.30 -15.14
C GLY A 7 13.51 4.06 -14.38
N SER A 8 13.25 4.05 -13.07
CA SER A 8 13.62 2.94 -12.22
C SER A 8 12.41 2.06 -11.92
N GLY A 9 12.67 0.77 -11.67
CA GLY A 9 11.59 -0.15 -11.38
C GLY A 9 11.18 -0.13 -9.92
N GLU A 10 11.86 -0.91 -9.10
CA GLU A 10 11.56 -0.97 -7.67
C GLU A 10 11.38 0.42 -7.09
N LYS A 11 10.92 0.49 -5.85
CA LYS A 11 10.71 1.76 -5.17
C LYS A 11 11.38 1.78 -3.80
N PRO A 12 11.76 2.98 -3.34
CA PRO A 12 12.41 3.16 -2.04
C PRO A 12 11.47 2.89 -0.87
N TYR A 13 10.29 3.51 -0.91
CA TYR A 13 9.31 3.33 0.14
C TYR A 13 8.25 2.32 -0.26
N LYS A 14 7.87 1.45 0.67
CA LYS A 14 6.86 0.43 0.41
C LYS A 14 5.90 0.31 1.59
N CYS A 15 4.64 0.02 1.28
CA CYS A 15 3.62 -0.14 2.32
C CYS A 15 3.88 -1.36 3.17
N VAL A 16 3.32 -1.38 4.37
CA VAL A 16 3.50 -2.50 5.29
C VAL A 16 2.23 -3.34 5.37
N GLU A 17 1.12 -2.78 4.90
CA GLU A 17 -0.16 -3.48 4.92
C GLU A 17 -0.30 -4.41 3.72
N CYS A 18 -0.02 -3.87 2.54
CA CYS A 18 -0.11 -4.65 1.30
C CYS A 18 1.27 -4.92 0.73
N GLY A 19 2.15 -3.93 0.83
CA GLY A 19 3.50 -4.08 0.31
C GLY A 19 3.72 -3.30 -0.97
N LYS A 20 2.90 -2.28 -1.19
CA LYS A 20 3.02 -1.45 -2.40
C LYS A 20 4.34 -0.71 -2.41
N GLY A 21 4.51 0.15 -3.40
CA GLY A 21 5.74 0.93 -3.52
C GLY A 21 5.49 2.34 -4.03
N TYR A 22 6.11 3.32 -3.38
CA TYR A 22 5.96 4.71 -3.76
C TYR A 22 7.30 5.41 -3.84
N LYS A 23 7.53 6.10 -4.96
CA LYS A 23 8.78 6.82 -5.17
C LYS A 23 9.08 7.76 -4.01
N ARG A 24 8.05 8.48 -3.57
CA ARG A 24 8.19 9.42 -2.47
C ARG A 24 7.38 8.96 -1.25
N ARG A 25 8.01 8.97 -0.09
CA ARG A 25 7.36 8.55 1.14
C ARG A 25 6.03 9.28 1.33
N LEU A 26 6.07 10.60 1.22
CA LEU A 26 4.86 11.41 1.37
C LEU A 26 3.68 10.77 0.68
N ASP A 27 3.89 10.31 -0.56
CA ASP A 27 2.83 9.66 -1.33
C ASP A 27 2.27 8.46 -0.57
N LEU A 28 3.16 7.55 -0.19
CA LEU A 28 2.75 6.34 0.53
C LEU A 28 2.04 6.71 1.83
N ASP A 29 2.63 7.62 2.59
CA ASP A 29 2.05 8.05 3.85
C ASP A 29 0.56 8.32 3.70
N PHE A 30 0.18 8.87 2.55
CA PHE A 30 -1.23 9.17 2.28
C PHE A 30 -1.99 7.92 1.88
N HIS A 31 -1.27 6.94 1.35
CA HIS A 31 -1.88 5.68 0.92
C HIS A 31 -2.33 4.85 2.13
N GLN A 32 -1.44 4.75 3.11
CA GLN A 32 -1.73 3.99 4.32
C GLN A 32 -3.12 4.34 4.86
N ARG A 33 -3.60 5.53 4.52
CA ARG A 33 -4.90 5.99 4.98
C ARG A 33 -5.99 4.99 4.60
N VAL A 34 -5.88 4.44 3.40
CA VAL A 34 -6.85 3.46 2.91
C VAL A 34 -6.88 2.22 3.78
N HIS A 35 -5.78 1.97 4.48
CA HIS A 35 -5.67 0.81 5.36
C HIS A 35 -6.25 1.13 6.73
N THR A 36 -6.24 2.40 7.10
CA THR A 36 -6.77 2.83 8.39
C THR A 36 -8.11 3.53 8.23
N GLY A 37 -9.14 2.97 8.85
CA GLY A 37 -10.47 3.56 8.76
C GLY A 37 -11.55 2.65 9.34
N GLU A 38 -12.72 2.67 8.71
CA GLU A 38 -13.83 1.84 9.16
C GLU A 38 -13.73 0.43 8.58
N LYS A 39 -13.00 -0.43 9.27
CA LYS A 39 -12.82 -1.81 8.83
C LYS A 39 -14.14 -2.41 8.35
N LEU A 40 -15.20 -2.19 9.13
CA LEU A 40 -16.51 -2.70 8.79
C LEU A 40 -16.77 -2.59 7.29
N SER A 41 -17.36 -3.63 6.72
CA SER A 41 -17.66 -3.66 5.29
C SER A 41 -19.14 -3.93 5.04
N GLY A 42 -20.00 -3.24 5.80
CA GLY A 42 -21.43 -3.42 5.65
C GLY A 42 -22.17 -2.10 5.52
N PRO A 43 -22.21 -1.57 4.29
CA PRO A 43 -22.89 -0.30 4.01
C PRO A 43 -24.41 -0.41 4.12
N SER A 44 -25.10 0.71 3.94
CA SER A 44 -26.54 0.74 4.02
C SER A 44 -27.17 0.23 2.72
N SER A 45 -26.35 0.10 1.69
CA SER A 45 -26.82 -0.37 0.39
C SER A 45 -25.87 -1.39 -0.19
N GLY A 46 -26.34 -2.64 -0.30
CA GLY A 46 -25.51 -3.70 -0.85
C GLY A 46 -25.36 -3.60 -2.36
ZN ZN B . -1.01 -0.62 1.48
N GLY A 1 -1.83 -18.12 -4.25
CA GLY A 1 -0.76 -17.36 -4.86
C GLY A 1 -1.24 -16.04 -5.44
N SER A 2 -0.34 -15.33 -6.11
CA SER A 2 -0.68 -14.04 -6.71
C SER A 2 0.34 -13.65 -7.78
N SER A 3 0.00 -12.66 -8.58
CA SER A 3 0.88 -12.20 -9.64
C SER A 3 2.05 -11.41 -9.07
N GLY A 4 3.15 -11.39 -9.82
CA GLY A 4 4.34 -10.68 -9.37
C GLY A 4 4.93 -9.80 -10.45
N SER A 5 6.09 -9.21 -10.17
CA SER A 5 6.76 -8.34 -11.13
C SER A 5 7.20 -9.13 -12.36
N SER A 6 6.61 -8.81 -13.51
CA SER A 6 6.95 -9.48 -14.76
C SER A 6 8.10 -8.78 -15.46
N GLY A 7 7.94 -7.48 -15.69
CA GLY A 7 8.98 -6.71 -16.36
C GLY A 7 9.99 -6.15 -15.39
N SER A 8 9.69 -4.98 -14.84
CA SER A 8 10.59 -4.33 -13.89
C SER A 8 9.84 -3.31 -13.05
N GLY A 9 10.16 -3.27 -11.75
CA GLY A 9 9.50 -2.34 -10.86
C GLY A 9 10.07 -2.38 -9.45
N GLU A 10 10.55 -1.23 -8.98
CA GLU A 10 11.14 -1.15 -7.65
C GLU A 10 11.05 0.28 -7.11
N LYS A 11 11.03 0.40 -5.78
CA LYS A 11 10.94 1.71 -5.14
C LYS A 11 11.54 1.66 -3.73
N PRO A 12 12.00 2.81 -3.24
CA PRO A 12 12.59 2.93 -1.91
C PRO A 12 11.57 2.76 -0.80
N TYR A 13 10.46 3.47 -0.89
CA TYR A 13 9.40 3.40 0.10
C TYR A 13 8.37 2.34 -0.28
N LYS A 14 7.97 1.54 0.70
CA LYS A 14 6.98 0.48 0.47
C LYS A 14 6.00 0.40 1.63
N CYS A 15 4.76 0.06 1.33
CA CYS A 15 3.72 -0.05 2.35
C CYS A 15 3.93 -1.31 3.19
N VAL A 16 3.46 -1.27 4.43
CA VAL A 16 3.59 -2.40 5.34
C VAL A 16 2.28 -3.15 5.48
N GLU A 17 1.21 -2.58 4.92
CA GLU A 17 -0.11 -3.19 5.00
C GLU A 17 -0.33 -4.13 3.82
N CYS A 18 0.10 -3.70 2.63
CA CYS A 18 -0.05 -4.51 1.43
C CYS A 18 1.30 -4.77 0.77
N GLY A 19 2.19 -3.77 0.83
CA GLY A 19 3.50 -3.91 0.24
C GLY A 19 3.67 -3.06 -0.99
N LYS A 20 2.72 -2.17 -1.23
CA LYS A 20 2.77 -1.28 -2.39
C LYS A 20 4.07 -0.48 -2.42
N GLY A 21 4.39 0.08 -3.58
CA GLY A 21 5.61 0.85 -3.70
C GLY A 21 5.35 2.27 -4.20
N TYR A 22 6.02 3.24 -3.59
CA TYR A 22 5.86 4.64 -3.96
C TYR A 22 7.21 5.32 -4.16
N LYS A 23 7.26 6.24 -5.10
CA LYS A 23 8.50 6.97 -5.40
C LYS A 23 8.91 7.83 -4.22
N ARG A 24 7.94 8.48 -3.59
CA ARG A 24 8.20 9.33 -2.44
C ARG A 24 7.40 8.88 -1.22
N ARG A 25 8.02 8.97 -0.05
CA ARG A 25 7.37 8.56 1.19
C ARG A 25 6.03 9.26 1.36
N LEU A 26 6.06 10.59 1.41
CA LEU A 26 4.85 11.38 1.56
C LEU A 26 3.68 10.72 0.84
N ASP A 27 3.90 10.33 -0.40
CA ASP A 27 2.85 9.68 -1.19
C ASP A 27 2.32 8.44 -0.49
N LEU A 28 3.22 7.50 -0.19
CA LEU A 28 2.83 6.27 0.49
C LEU A 28 2.15 6.57 1.82
N ASP A 29 2.75 7.45 2.60
CA ASP A 29 2.21 7.83 3.90
C ASP A 29 0.73 8.18 3.78
N PHE A 30 0.34 8.70 2.62
CA PHE A 30 -1.05 9.08 2.39
C PHE A 30 -1.87 7.88 1.92
N HIS A 31 -1.18 6.87 1.39
CA HIS A 31 -1.85 5.67 0.91
C HIS A 31 -2.37 4.83 2.06
N GLN A 32 -1.55 4.68 3.10
CA GLN A 32 -1.93 3.90 4.27
C GLN A 32 -3.33 4.29 4.75
N ARG A 33 -3.75 5.51 4.42
CA ARG A 33 -5.06 5.99 4.81
C ARG A 33 -6.14 4.95 4.51
N VAL A 34 -6.08 4.37 3.32
CA VAL A 34 -7.04 3.36 2.92
C VAL A 34 -7.05 2.18 3.88
N HIS A 35 -5.86 1.82 4.36
CA HIS A 35 -5.73 0.70 5.29
C HIS A 35 -6.32 1.05 6.65
N THR A 36 -6.39 2.35 6.94
CA THR A 36 -6.94 2.82 8.21
C THR A 36 -8.30 3.47 8.01
N GLY A 37 -9.34 2.82 8.52
CA GLY A 37 -10.69 3.36 8.39
C GLY A 37 -11.35 3.62 9.73
N GLU A 38 -10.64 4.32 10.61
CA GLU A 38 -11.15 4.63 11.94
C GLU A 38 -12.60 5.13 11.85
N LYS A 39 -13.53 4.28 12.26
CA LYS A 39 -14.95 4.62 12.24
C LYS A 39 -15.26 5.54 11.06
N LEU A 40 -14.79 5.17 9.88
CA LEU A 40 -15.02 5.95 8.68
C LEU A 40 -16.38 5.64 8.07
N SER A 41 -16.96 6.63 7.40
CA SER A 41 -18.27 6.45 6.77
C SER A 41 -18.25 5.26 5.80
N GLY A 42 -19.39 5.03 5.15
CA GLY A 42 -19.48 3.94 4.20
C GLY A 42 -20.54 4.17 3.14
N PRO A 43 -21.82 4.10 3.55
CA PRO A 43 -22.94 4.30 2.64
C PRO A 43 -23.07 5.76 2.18
N SER A 44 -22.42 6.08 1.07
CA SER A 44 -22.46 7.43 0.53
C SER A 44 -21.81 7.48 -0.85
N SER A 45 -21.90 8.64 -1.51
CA SER A 45 -21.34 8.81 -2.84
C SER A 45 -19.96 8.17 -2.93
N GLY A 46 -19.01 8.72 -2.18
CA GLY A 46 -17.65 8.20 -2.19
C GLY A 46 -17.24 7.67 -3.55
ZN ZN B . -0.88 -0.51 1.53
N GLY A 1 -2.49 -20.40 -18.02
CA GLY A 1 -2.26 -19.54 -16.86
C GLY A 1 -0.78 -19.33 -16.59
N SER A 2 -0.21 -18.30 -17.20
CA SER A 2 1.21 -17.99 -17.01
C SER A 2 1.50 -16.54 -17.40
N SER A 3 2.49 -15.95 -16.72
CA SER A 3 2.87 -14.57 -16.99
C SER A 3 4.29 -14.30 -16.52
N GLY A 4 5.09 -13.70 -17.40
CA GLY A 4 6.47 -13.40 -17.07
C GLY A 4 6.60 -12.19 -16.15
N SER A 5 6.48 -11.00 -16.73
CA SER A 5 6.59 -9.77 -15.97
C SER A 5 5.87 -8.62 -16.68
N SER A 6 4.94 -7.99 -15.97
CA SER A 6 4.18 -6.88 -16.54
C SER A 6 4.42 -5.60 -15.75
N GLY A 7 5.46 -4.86 -16.13
CA GLY A 7 5.79 -3.63 -15.45
C GLY A 7 6.30 -3.86 -14.04
N SER A 8 7.56 -4.29 -13.94
CA SER A 8 8.17 -4.55 -12.64
C SER A 8 9.15 -3.45 -12.26
N GLY A 9 8.73 -2.58 -11.35
CA GLY A 9 9.59 -1.49 -10.92
C GLY A 9 9.90 -1.54 -9.44
N GLU A 10 11.08 -1.08 -9.06
CA GLU A 10 11.50 -1.08 -7.66
C GLU A 10 11.43 0.32 -7.08
N LYS A 11 11.14 0.40 -5.78
CA LYS A 11 11.04 1.69 -5.10
C LYS A 11 11.63 1.60 -3.69
N PRO A 12 12.07 2.76 -3.17
CA PRO A 12 12.66 2.84 -1.83
C PRO A 12 11.63 2.61 -0.73
N TYR A 13 10.51 3.32 -0.81
CA TYR A 13 9.45 3.21 0.18
C TYR A 13 8.44 2.15 -0.24
N LYS A 14 7.98 1.36 0.74
CA LYS A 14 7.00 0.31 0.47
C LYS A 14 6.02 0.18 1.63
N CYS A 15 4.74 0.02 1.29
CA CYS A 15 3.70 -0.12 2.29
C CYS A 15 3.92 -1.36 3.15
N VAL A 16 3.38 -1.35 4.36
CA VAL A 16 3.52 -2.48 5.27
C VAL A 16 2.22 -3.28 5.36
N GLU A 17 1.13 -2.68 4.91
CA GLU A 17 -0.18 -3.33 4.94
C GLU A 17 -0.33 -4.28 3.75
N CYS A 18 0.00 -3.80 2.56
CA CYS A 18 -0.10 -4.60 1.35
C CYS A 18 1.28 -4.86 0.75
N GLY A 19 2.13 -3.83 0.80
CA GLY A 19 3.47 -3.95 0.25
C GLY A 19 3.67 -3.11 -0.99
N LYS A 20 2.74 -2.18 -1.24
CA LYS A 20 2.81 -1.31 -2.39
C LYS A 20 4.12 -0.51 -2.39
N GLY A 21 4.33 0.25 -3.46
CA GLY A 21 5.54 1.04 -3.56
C GLY A 21 5.28 2.45 -4.05
N TYR A 22 5.98 3.43 -3.49
CA TYR A 22 5.80 4.82 -3.87
C TYR A 22 7.16 5.52 -4.00
N LYS A 23 7.36 6.17 -5.14
CA LYS A 23 8.61 6.88 -5.41
C LYS A 23 8.96 7.81 -4.24
N ARG A 24 7.93 8.40 -3.63
CA ARG A 24 8.13 9.30 -2.51
C ARG A 24 7.42 8.79 -1.27
N ARG A 25 7.96 9.12 -0.09
CA ARG A 25 7.37 8.69 1.17
C ARG A 25 6.04 9.39 1.42
N LEU A 26 6.04 10.70 1.27
CA LEU A 26 4.82 11.49 1.47
C LEU A 26 3.64 10.88 0.73
N ASP A 27 3.89 10.42 -0.49
CA ASP A 27 2.85 9.80 -1.30
C ASP A 27 2.28 8.56 -0.60
N LEU A 28 3.17 7.66 -0.20
CA LEU A 28 2.76 6.44 0.47
C LEU A 28 2.05 6.74 1.79
N ASP A 29 2.62 7.66 2.57
CA ASP A 29 2.04 8.04 3.84
C ASP A 29 0.54 8.32 3.69
N PHE A 30 0.16 8.85 2.54
CA PHE A 30 -1.24 9.17 2.28
C PHE A 30 -2.01 7.92 1.86
N HIS A 31 -1.29 6.93 1.33
CA HIS A 31 -1.90 5.68 0.89
C HIS A 31 -2.35 4.85 2.08
N GLN A 32 -1.46 4.66 3.04
CA GLN A 32 -1.76 3.88 4.23
C GLN A 32 -3.13 4.25 4.79
N ARG A 33 -3.59 5.45 4.46
CA ARG A 33 -4.88 5.94 4.94
C ARG A 33 -5.98 4.92 4.61
N VAL A 34 -5.90 4.33 3.43
CA VAL A 34 -6.89 3.34 3.01
C VAL A 34 -6.95 2.17 3.98
N HIS A 35 -5.80 1.74 4.47
CA HIS A 35 -5.72 0.64 5.41
C HIS A 35 -6.27 1.05 6.78
N THR A 36 -5.99 2.29 7.17
CA THR A 36 -6.45 2.80 8.45
C THR A 36 -7.94 3.11 8.42
N GLY A 37 -8.76 2.13 8.81
CA GLY A 37 -10.19 2.30 8.82
C GLY A 37 -10.75 2.50 10.22
N GLU A 38 -11.36 3.65 10.46
CA GLU A 38 -11.94 3.96 11.76
C GLU A 38 -13.14 3.07 12.06
N LYS A 39 -13.87 2.73 11.00
CA LYS A 39 -15.06 1.87 11.13
C LYS A 39 -14.68 0.40 11.11
N LEU A 40 -15.31 -0.38 11.97
CA LEU A 40 -15.04 -1.82 12.05
C LEU A 40 -14.94 -2.42 10.65
N SER A 41 -15.99 -2.26 9.87
CA SER A 41 -16.03 -2.79 8.51
C SER A 41 -16.18 -1.68 7.49
N GLY A 42 -16.26 -2.04 6.21
CA GLY A 42 -16.40 -1.06 5.15
C GLY A 42 -16.78 -1.68 3.82
N PRO A 43 -15.85 -2.44 3.24
CA PRO A 43 -16.07 -3.11 1.95
C PRO A 43 -17.08 -4.25 2.06
N SER A 44 -18.36 -3.92 1.92
CA SER A 44 -19.42 -4.92 2.00
C SER A 44 -19.63 -5.59 0.65
N SER A 45 -19.93 -4.80 -0.37
CA SER A 45 -20.17 -5.32 -1.72
C SER A 45 -18.95 -5.11 -2.60
N GLY A 46 -18.13 -6.15 -2.73
CA GLY A 46 -16.94 -6.05 -3.55
C GLY A 46 -16.72 -7.29 -4.41
ZN ZN B . -0.97 -0.61 1.47
N GLY A 1 4.45 -22.77 -8.04
CA GLY A 1 5.40 -22.66 -6.95
C GLY A 1 5.93 -21.26 -6.78
N SER A 2 6.91 -20.89 -7.61
CA SER A 2 7.51 -19.57 -7.55
C SER A 2 6.81 -18.60 -8.48
N SER A 3 5.73 -17.98 -7.99
CA SER A 3 4.96 -17.03 -8.79
C SER A 3 5.55 -15.62 -8.67
N GLY A 4 5.88 -15.22 -7.44
CA GLY A 4 6.44 -13.90 -7.22
C GLY A 4 5.47 -12.79 -7.58
N SER A 5 5.27 -11.86 -6.65
CA SER A 5 4.36 -10.75 -6.87
C SER A 5 5.14 -9.44 -6.98
N SER A 6 5.42 -9.03 -8.22
CA SER A 6 6.15 -7.79 -8.46
C SER A 6 5.60 -7.06 -9.69
N GLY A 7 5.85 -5.76 -9.76
CA GLY A 7 5.37 -4.97 -10.87
C GLY A 7 6.50 -4.54 -11.80
N SER A 8 7.14 -3.42 -11.46
CA SER A 8 8.23 -2.90 -12.26
C SER A 8 9.23 -2.13 -11.40
N GLY A 9 10.50 -2.20 -11.77
CA GLY A 9 11.54 -1.51 -11.01
C GLY A 9 11.38 -1.71 -9.52
N GLU A 10 12.01 -0.83 -8.75
CA GLU A 10 11.94 -0.90 -7.29
C GLU A 10 11.94 0.50 -6.67
N LYS A 11 11.11 0.69 -5.66
CA LYS A 11 11.01 1.97 -4.99
C LYS A 11 11.61 1.89 -3.58
N PRO A 12 12.01 3.05 -3.03
CA PRO A 12 12.60 3.13 -1.69
C PRO A 12 11.58 2.87 -0.59
N TYR A 13 10.44 3.55 -0.67
CA TYR A 13 9.38 3.39 0.32
C TYR A 13 8.39 2.32 -0.11
N LYS A 14 7.98 1.47 0.84
CA LYS A 14 7.03 0.40 0.55
C LYS A 14 6.06 0.23 1.71
N CYS A 15 4.79 0.03 1.38
CA CYS A 15 3.75 -0.15 2.40
C CYS A 15 3.98 -1.45 3.17
N VAL A 16 3.39 -1.53 4.35
CA VAL A 16 3.52 -2.71 5.20
C VAL A 16 2.24 -3.53 5.21
N GLU A 17 1.14 -2.89 4.82
CA GLU A 17 -0.17 -3.55 4.79
C GLU A 17 -0.31 -4.40 3.53
N CYS A 18 -0.06 -3.79 2.39
CA CYS A 18 -0.17 -4.50 1.11
C CYS A 18 1.21 -4.73 0.51
N GLY A 19 2.10 -3.76 0.67
CA GLY A 19 3.45 -3.89 0.14
C GLY A 19 3.66 -3.06 -1.11
N LYS A 20 2.78 -2.09 -1.32
CA LYS A 20 2.87 -1.22 -2.49
C LYS A 20 4.15 -0.38 -2.44
N GLY A 21 4.65 0.00 -3.61
CA GLY A 21 5.85 0.81 -3.67
C GLY A 21 5.58 2.21 -4.19
N TYR A 22 6.13 3.20 -3.49
CA TYR A 22 5.95 4.59 -3.88
C TYR A 22 7.28 5.31 -3.99
N LYS A 23 7.51 5.98 -5.11
CA LYS A 23 8.75 6.71 -5.33
C LYS A 23 9.04 7.65 -4.17
N ARG A 24 8.01 8.34 -3.71
CA ARG A 24 8.16 9.27 -2.59
C ARG A 24 7.34 8.82 -1.39
N ARG A 25 7.90 8.98 -0.20
CA ARG A 25 7.22 8.59 1.03
C ARG A 25 5.87 9.28 1.15
N LEU A 26 5.88 10.61 1.13
CA LEU A 26 4.66 11.39 1.24
C LEU A 26 3.50 10.69 0.53
N ASP A 27 3.77 10.18 -0.67
CA ASP A 27 2.76 9.48 -1.44
C ASP A 27 2.20 8.29 -0.67
N LEU A 28 3.09 7.40 -0.24
CA LEU A 28 2.70 6.21 0.51
C LEU A 28 2.03 6.60 1.82
N ASP A 29 2.66 7.53 2.55
CA ASP A 29 2.12 7.98 3.83
C ASP A 29 0.63 8.30 3.71
N PHE A 30 0.23 8.83 2.55
CA PHE A 30 -1.16 9.19 2.32
C PHE A 30 -1.97 7.96 1.94
N HIS A 31 -1.29 6.93 1.43
CA HIS A 31 -1.95 5.70 1.03
C HIS A 31 -2.42 4.90 2.25
N GLN A 32 -1.53 4.74 3.21
CA GLN A 32 -1.84 4.00 4.43
C GLN A 32 -3.21 4.41 4.97
N ARG A 33 -3.62 5.64 4.67
CA ARG A 33 -4.91 6.14 5.12
C ARG A 33 -6.03 5.14 4.83
N VAL A 34 -6.00 4.59 3.62
CA VAL A 34 -7.01 3.62 3.21
C VAL A 34 -6.98 2.38 4.10
N HIS A 35 -5.78 2.01 4.54
CA HIS A 35 -5.61 0.85 5.40
C HIS A 35 -6.16 1.11 6.80
N THR A 36 -5.98 2.34 7.28
CA THR A 36 -6.47 2.71 8.61
C THR A 36 -7.87 3.31 8.52
N GLY A 37 -8.80 2.73 9.28
CA GLY A 37 -10.17 3.21 9.27
C GLY A 37 -11.18 2.10 9.10
N GLU A 38 -12.06 2.25 8.11
CA GLU A 38 -13.09 1.25 7.85
C GLU A 38 -13.08 0.85 6.37
N LYS A 39 -12.27 -0.14 6.03
CA LYS A 39 -12.17 -0.62 4.67
C LYS A 39 -12.78 -2.01 4.53
N LEU A 40 -12.21 -2.97 5.24
CA LEU A 40 -12.71 -4.34 5.21
C LEU A 40 -13.42 -4.70 6.50
N SER A 41 -14.46 -5.54 6.40
CA SER A 41 -15.24 -5.95 7.56
C SER A 41 -14.50 -7.04 8.33
N GLY A 42 -15.15 -7.57 9.36
CA GLY A 42 -14.56 -8.62 10.16
C GLY A 42 -15.48 -9.11 11.26
N PRO A 43 -15.86 -8.20 12.17
CA PRO A 43 -16.75 -8.53 13.29
C PRO A 43 -18.18 -8.81 12.84
N SER A 44 -18.39 -8.78 11.53
CA SER A 44 -19.71 -9.02 10.95
C SER A 44 -20.48 -10.05 11.78
N SER A 45 -21.74 -9.76 12.07
CA SER A 45 -22.57 -10.65 12.85
C SER A 45 -22.28 -12.11 12.50
N GLY A 46 -22.45 -12.45 11.23
CA GLY A 46 -22.20 -13.81 10.78
C GLY A 46 -21.28 -13.87 9.57
ZN ZN B . -0.93 -0.49 1.58
N GLY A 1 -2.11 -16.72 -12.63
CA GLY A 1 -1.67 -16.23 -13.93
C GLY A 1 -0.18 -16.03 -13.98
N SER A 2 0.25 -14.87 -14.49
CA SER A 2 1.66 -14.55 -14.60
C SER A 2 2.27 -14.28 -13.23
N SER A 3 2.96 -15.29 -12.69
CA SER A 3 3.59 -15.17 -11.38
C SER A 3 4.88 -14.36 -11.47
N GLY A 4 5.16 -13.60 -10.41
CA GLY A 4 6.37 -12.79 -10.40
C GLY A 4 6.25 -11.56 -11.28
N SER A 5 5.97 -10.41 -10.66
CA SER A 5 5.83 -9.17 -11.40
C SER A 5 6.82 -8.12 -10.91
N SER A 6 7.63 -7.60 -11.82
CA SER A 6 8.63 -6.60 -11.47
C SER A 6 8.92 -5.69 -12.67
N GLY A 7 9.70 -4.64 -12.43
CA GLY A 7 10.05 -3.71 -13.48
C GLY A 7 11.52 -3.34 -13.48
N SER A 8 11.86 -2.29 -14.20
CA SER A 8 13.24 -1.82 -14.28
C SER A 8 13.50 -0.68 -13.32
N GLY A 9 12.98 -0.81 -12.09
CA GLY A 9 13.15 0.22 -11.09
C GLY A 9 12.24 0.03 -9.89
N GLU A 10 12.84 -0.24 -8.73
CA GLU A 10 12.08 -0.46 -7.51
C GLU A 10 12.00 0.84 -6.69
N LYS A 11 10.94 0.96 -5.90
CA LYS A 11 10.75 2.14 -5.07
C LYS A 11 11.42 1.96 -3.71
N PRO A 12 11.91 3.07 -3.14
CA PRO A 12 12.59 3.06 -1.83
C PRO A 12 11.62 2.78 -0.69
N TYR A 13 10.45 3.41 -0.74
CA TYR A 13 9.44 3.23 0.30
C TYR A 13 8.38 2.21 -0.13
N LYS A 14 7.92 1.41 0.81
CA LYS A 14 6.91 0.40 0.53
C LYS A 14 5.94 0.25 1.71
N CYS A 15 4.67 0.01 1.39
CA CYS A 15 3.65 -0.14 2.42
C CYS A 15 3.87 -1.44 3.20
N VAL A 16 3.36 -1.47 4.43
CA VAL A 16 3.51 -2.64 5.29
C VAL A 16 2.19 -3.41 5.37
N GLU A 17 1.11 -2.79 4.90
CA GLU A 17 -0.21 -3.42 4.93
C GLU A 17 -0.40 -4.32 3.70
N CYS A 18 -0.02 -3.80 2.54
CA CYS A 18 -0.15 -4.54 1.29
C CYS A 18 1.22 -4.82 0.67
N GLY A 19 2.09 -3.83 0.71
CA GLY A 19 3.42 -3.98 0.16
C GLY A 19 3.65 -3.10 -1.06
N LYS A 20 2.74 -2.15 -1.28
CA LYS A 20 2.85 -1.24 -2.41
C LYS A 20 4.19 -0.51 -2.39
N GLY A 21 4.51 0.15 -3.50
CA GLY A 21 5.76 0.88 -3.60
C GLY A 21 5.58 2.28 -4.12
N TYR A 22 6.14 3.26 -3.41
CA TYR A 22 6.03 4.65 -3.80
C TYR A 22 7.41 5.32 -3.86
N LYS A 23 7.65 6.08 -4.93
CA LYS A 23 8.93 6.76 -5.11
C LYS A 23 9.08 7.89 -4.09
N ARG A 24 7.95 8.42 -3.62
CA ARG A 24 7.97 9.50 -2.64
C ARG A 24 7.22 9.10 -1.38
N ARG A 25 7.96 8.81 -0.32
CA ARG A 25 7.36 8.41 0.95
C ARG A 25 6.07 9.17 1.20
N LEU A 26 6.10 10.48 0.98
CA LEU A 26 4.93 11.32 1.19
C LEU A 26 3.69 10.68 0.57
N ASP A 27 3.81 10.27 -0.68
CA ASP A 27 2.69 9.63 -1.39
C ASP A 27 2.18 8.43 -0.62
N LEU A 28 3.09 7.52 -0.27
CA LEU A 28 2.73 6.31 0.46
C LEU A 28 2.04 6.66 1.78
N ASP A 29 2.67 7.54 2.56
CA ASP A 29 2.12 7.96 3.83
C ASP A 29 0.63 8.27 3.71
N PHE A 30 0.24 8.83 2.57
CA PHE A 30 -1.16 9.17 2.34
C PHE A 30 -1.96 7.93 1.95
N HIS A 31 -1.28 6.95 1.37
CA HIS A 31 -1.92 5.72 0.96
C HIS A 31 -2.38 4.90 2.16
N GLN A 32 -1.47 4.70 3.11
CA GLN A 32 -1.79 3.94 4.31
C GLN A 32 -3.17 4.31 4.85
N ARG A 33 -3.60 5.54 4.58
CA ARG A 33 -4.90 6.01 5.04
C ARG A 33 -5.99 4.99 4.71
N VAL A 34 -5.95 4.46 3.50
CA VAL A 34 -6.93 3.48 3.06
C VAL A 34 -6.95 2.27 3.99
N HIS A 35 -5.77 1.87 4.47
CA HIS A 35 -5.64 0.74 5.37
C HIS A 35 -6.21 1.06 6.74
N THR A 36 -6.14 2.34 7.13
CA THR A 36 -6.64 2.78 8.42
C THR A 36 -8.03 3.39 8.28
N GLY A 37 -8.97 2.92 9.10
CA GLY A 37 -10.33 3.44 9.06
C GLY A 37 -11.26 2.70 9.98
N GLU A 38 -11.54 1.44 9.65
CA GLU A 38 -12.43 0.62 10.46
C GLU A 38 -11.65 -0.19 11.49
N LYS A 39 -12.19 -0.27 12.70
CA LYS A 39 -11.54 -1.00 13.79
C LYS A 39 -12.17 -2.38 13.96
N LEU A 40 -11.32 -3.39 14.15
CA LEU A 40 -11.79 -4.75 14.33
C LEU A 40 -11.75 -5.15 15.80
N SER A 41 -10.97 -4.41 16.59
CA SER A 41 -10.84 -4.69 18.01
C SER A 41 -12.18 -4.49 18.73
N GLY A 42 -12.69 -5.56 19.34
CA GLY A 42 -13.95 -5.48 20.05
C GLY A 42 -13.96 -6.34 21.30
N PRO A 43 -13.21 -5.92 22.32
CA PRO A 43 -13.12 -6.64 23.60
C PRO A 43 -14.41 -6.57 24.39
N SER A 44 -15.41 -5.86 23.85
CA SER A 44 -16.69 -5.72 24.51
C SER A 44 -17.72 -6.68 23.92
N SER A 45 -17.92 -6.60 22.60
CA SER A 45 -18.87 -7.46 21.92
C SER A 45 -18.19 -8.71 21.39
N GLY A 46 -18.90 -9.84 21.44
CA GLY A 46 -18.35 -11.09 20.96
C GLY A 46 -16.91 -11.30 21.41
ZN ZN B . -0.97 -0.54 1.61
N GLY A 1 -4.14 -14.96 -8.87
CA GLY A 1 -3.05 -14.03 -9.07
C GLY A 1 -3.43 -12.86 -9.96
N SER A 2 -4.07 -11.86 -9.37
CA SER A 2 -4.50 -10.68 -10.13
C SER A 2 -3.43 -9.59 -10.08
N SER A 3 -2.18 -9.99 -10.23
CA SER A 3 -1.07 -9.05 -10.21
C SER A 3 -0.82 -8.47 -11.59
N GLY A 4 -0.15 -7.32 -11.63
CA GLY A 4 0.14 -6.67 -12.90
C GLY A 4 1.62 -6.59 -13.18
N SER A 5 2.20 -7.68 -13.64
CA SER A 5 3.63 -7.73 -13.95
C SER A 5 4.04 -6.55 -14.83
N SER A 6 3.33 -6.40 -15.95
CA SER A 6 3.62 -5.31 -16.88
C SER A 6 3.31 -3.95 -16.26
N GLY A 7 4.35 -3.28 -15.77
CA GLY A 7 4.17 -1.98 -15.16
C GLY A 7 4.46 -2.00 -13.67
N SER A 8 5.63 -2.50 -13.30
CA SER A 8 6.02 -2.57 -11.90
C SER A 8 7.44 -2.07 -11.70
N GLY A 9 7.57 -0.95 -10.98
CA GLY A 9 8.88 -0.38 -10.73
C GLY A 9 9.38 -0.67 -9.33
N GLU A 10 10.65 -0.36 -9.09
CA GLU A 10 11.25 -0.60 -7.77
C GLU A 10 11.42 0.72 -7.02
N LYS A 11 10.59 0.95 -6.02
CA LYS A 11 10.65 2.16 -5.22
C LYS A 11 11.27 1.88 -3.85
N PRO A 12 11.85 2.93 -3.25
CA PRO A 12 12.49 2.82 -1.93
C PRO A 12 11.47 2.61 -0.81
N TYR A 13 10.42 3.41 -0.80
CA TYR A 13 9.38 3.31 0.21
C TYR A 13 8.30 2.32 -0.21
N LYS A 14 7.87 1.48 0.73
CA LYS A 14 6.84 0.49 0.45
C LYS A 14 5.91 0.33 1.65
N CYS A 15 4.64 0.03 1.37
CA CYS A 15 3.65 -0.14 2.42
C CYS A 15 3.92 -1.43 3.20
N VAL A 16 3.42 -1.48 4.44
CA VAL A 16 3.60 -2.64 5.29
C VAL A 16 2.31 -3.46 5.39
N GLU A 17 1.21 -2.87 4.95
CA GLU A 17 -0.09 -3.53 5.00
C GLU A 17 -0.30 -4.39 3.76
N CYS A 18 0.06 -3.85 2.60
CA CYS A 18 -0.09 -4.57 1.34
C CYS A 18 1.27 -4.84 0.70
N GLY A 19 2.15 -3.85 0.78
CA GLY A 19 3.47 -3.99 0.20
C GLY A 19 3.66 -3.15 -1.04
N LYS A 20 2.78 -2.18 -1.24
CA LYS A 20 2.84 -1.30 -2.41
C LYS A 20 4.21 -0.65 -2.52
N GLY A 21 4.37 0.24 -3.50
CA GLY A 21 5.64 0.92 -3.69
C GLY A 21 5.47 2.34 -4.16
N TYR A 22 6.06 3.28 -3.44
CA TYR A 22 5.97 4.70 -3.80
C TYR A 22 7.35 5.34 -3.84
N LYS A 23 7.63 6.06 -4.93
CA LYS A 23 8.92 6.73 -5.09
C LYS A 23 9.18 7.68 -3.93
N ARG A 24 8.13 8.36 -3.47
CA ARG A 24 8.26 9.30 -2.36
C ARG A 24 7.50 8.80 -1.14
N ARG A 25 8.05 9.07 0.05
CA ARG A 25 7.42 8.65 1.29
C ARG A 25 6.09 9.35 1.49
N LEU A 26 6.06 10.66 1.23
CA LEU A 26 4.83 11.44 1.38
C LEU A 26 3.67 10.79 0.65
N ASP A 27 3.93 10.32 -0.57
CA ASP A 27 2.90 9.67 -1.37
C ASP A 27 2.33 8.46 -0.63
N LEU A 28 3.20 7.54 -0.24
CA LEU A 28 2.78 6.33 0.47
C LEU A 28 2.06 6.70 1.76
N ASP A 29 2.62 7.63 2.51
CA ASP A 29 2.03 8.06 3.77
C ASP A 29 0.54 8.36 3.60
N PHE A 30 0.18 8.85 2.41
CA PHE A 30 -1.22 9.17 2.12
C PHE A 30 -1.99 7.93 1.70
N HIS A 31 -1.26 6.91 1.23
CA HIS A 31 -1.88 5.67 0.79
C HIS A 31 -2.38 4.87 1.99
N GLN A 32 -1.55 4.75 3.01
CA GLN A 32 -1.91 4.00 4.21
C GLN A 32 -3.31 4.41 4.70
N ARG A 33 -3.75 5.59 4.29
CA ARG A 33 -5.06 6.10 4.69
C ARG A 33 -6.13 5.02 4.50
N VAL A 34 -6.01 4.26 3.43
CA VAL A 34 -6.97 3.21 3.12
C VAL A 34 -6.90 2.09 4.18
N HIS A 35 -5.70 1.82 4.66
CA HIS A 35 -5.50 0.78 5.67
C HIS A 35 -5.97 1.26 7.05
N THR A 36 -5.79 2.56 7.31
CA THR A 36 -6.19 3.14 8.58
C THR A 36 -7.70 3.13 8.73
N GLY A 37 -8.40 3.55 7.68
CA GLY A 37 -9.85 3.58 7.72
C GLY A 37 -10.45 4.22 6.48
N GLU A 38 -9.73 5.19 5.91
CA GLU A 38 -10.19 5.88 4.72
C GLU A 38 -10.94 4.94 3.80
N LYS A 39 -10.52 3.68 3.77
CA LYS A 39 -11.14 2.66 2.93
C LYS A 39 -12.54 2.31 3.44
N LEU A 40 -12.63 2.01 4.73
CA LEU A 40 -13.90 1.66 5.35
C LEU A 40 -14.78 2.90 5.54
N SER A 41 -15.89 2.95 4.80
CA SER A 41 -16.81 4.08 4.89
C SER A 41 -18.21 3.61 5.28
N GLY A 42 -18.66 2.53 4.66
CA GLY A 42 -19.98 1.99 4.95
C GLY A 42 -20.53 1.16 3.81
N PRO A 43 -20.03 -0.07 3.67
CA PRO A 43 -20.47 -0.99 2.62
C PRO A 43 -21.89 -1.48 2.83
N SER A 44 -22.33 -2.42 1.99
CA SER A 44 -23.68 -2.97 2.08
C SER A 44 -23.64 -4.49 2.11
N SER A 45 -24.40 -5.08 3.03
CA SER A 45 -24.45 -6.54 3.15
C SER A 45 -25.53 -7.12 2.26
N GLY A 46 -25.17 -8.13 1.47
CA GLY A 46 -26.12 -8.77 0.58
C GLY A 46 -25.75 -10.20 0.26
ZN ZN B . -0.99 -0.53 1.68
N GLY A 1 -3.35 -13.78 -11.49
CA GLY A 1 -2.05 -13.12 -11.50
C GLY A 1 -2.07 -11.80 -12.24
N SER A 2 -2.62 -11.82 -13.46
CA SER A 2 -2.70 -10.61 -14.28
C SER A 2 -1.37 -9.87 -14.28
N SER A 3 -0.28 -10.62 -14.38
CA SER A 3 1.06 -10.04 -14.40
C SER A 3 1.51 -9.74 -15.83
N GLY A 4 2.34 -8.71 -15.97
CA GLY A 4 2.83 -8.34 -17.29
C GLY A 4 3.91 -7.28 -17.23
N SER A 5 3.66 -6.13 -17.85
CA SER A 5 4.62 -5.04 -17.87
C SER A 5 4.02 -3.77 -17.27
N SER A 6 3.28 -3.94 -16.18
CA SER A 6 2.64 -2.82 -15.50
C SER A 6 3.63 -1.65 -15.35
N GLY A 7 4.70 -1.89 -14.59
CA GLY A 7 5.69 -0.85 -14.37
C GLY A 7 6.12 -0.75 -12.93
N SER A 8 7.41 -0.91 -12.68
CA SER A 8 7.95 -0.84 -11.33
C SER A 8 9.38 -0.32 -11.34
N GLY A 9 9.88 0.05 -10.16
CA GLY A 9 11.23 0.56 -10.05
C GLY A 9 11.81 0.38 -8.66
N GLU A 10 11.52 -0.75 -8.04
CA GLU A 10 12.01 -1.04 -6.70
C GLU A 10 12.04 0.23 -5.85
N LYS A 11 10.90 0.91 -5.77
CA LYS A 11 10.80 2.13 -4.99
C LYS A 11 11.41 1.96 -3.60
N PRO A 12 11.93 3.05 -3.03
CA PRO A 12 12.56 3.04 -1.71
C PRO A 12 11.53 2.84 -0.60
N TYR A 13 10.40 3.51 -0.71
CA TYR A 13 9.34 3.40 0.29
C TYR A 13 8.25 2.44 -0.18
N LYS A 14 7.72 1.66 0.77
CA LYS A 14 6.67 0.69 0.47
C LYS A 14 5.70 0.56 1.64
N CYS A 15 4.54 -0.02 1.37
CA CYS A 15 3.53 -0.22 2.41
C CYS A 15 3.77 -1.52 3.16
N VAL A 16 3.29 -1.57 4.40
CA VAL A 16 3.45 -2.76 5.23
C VAL A 16 2.17 -3.58 5.28
N GLU A 17 1.07 -2.98 4.84
CA GLU A 17 -0.22 -3.65 4.83
C GLU A 17 -0.37 -4.52 3.58
N CYS A 18 -0.15 -3.91 2.41
CA CYS A 18 -0.26 -4.62 1.15
C CYS A 18 1.12 -4.87 0.54
N GLY A 19 2.00 -3.87 0.66
CA GLY A 19 3.33 -4.00 0.12
C GLY A 19 3.56 -3.09 -1.08
N LYS A 20 2.69 -2.11 -1.25
CA LYS A 20 2.78 -1.17 -2.36
C LYS A 20 4.14 -0.46 -2.36
N GLY A 21 4.50 0.12 -3.49
CA GLY A 21 5.77 0.82 -3.59
C GLY A 21 5.60 2.24 -4.13
N TYR A 22 6.11 3.21 -3.38
CA TYR A 22 6.01 4.61 -3.78
C TYR A 22 7.38 5.26 -3.80
N LYS A 23 7.66 5.99 -4.88
CA LYS A 23 8.95 6.67 -5.02
C LYS A 23 9.12 7.74 -3.95
N ARG A 24 8.02 8.37 -3.56
CA ARG A 24 8.04 9.40 -2.54
C ARG A 24 7.33 8.94 -1.26
N ARG A 25 7.97 9.17 -0.12
CA ARG A 25 7.40 8.78 1.16
C ARG A 25 6.04 9.43 1.37
N LEU A 26 5.92 10.69 0.96
CA LEU A 26 4.67 11.43 1.10
C LEU A 26 3.52 10.70 0.40
N ASP A 27 3.78 10.21 -0.81
CA ASP A 27 2.77 9.49 -1.57
C ASP A 27 2.25 8.28 -0.80
N LEU A 28 3.16 7.47 -0.28
CA LEU A 28 2.79 6.29 0.49
C LEU A 28 2.08 6.68 1.78
N ASP A 29 2.65 7.65 2.49
CA ASP A 29 2.07 8.12 3.74
C ASP A 29 0.57 8.37 3.58
N PHE A 30 0.17 8.83 2.41
CA PHE A 30 -1.22 9.12 2.12
C PHE A 30 -1.98 7.85 1.75
N HIS A 31 -1.23 6.85 1.28
CA HIS A 31 -1.83 5.57 0.89
C HIS A 31 -2.23 4.76 2.12
N GLN A 32 -1.31 4.62 3.05
CA GLN A 32 -1.55 3.85 4.27
C GLN A 32 -2.89 4.27 4.90
N ARG A 33 -3.35 5.46 4.56
CA ARG A 33 -4.61 5.97 5.09
C ARG A 33 -5.75 5.01 4.79
N VAL A 34 -5.76 4.46 3.58
CA VAL A 34 -6.79 3.52 3.17
C VAL A 34 -6.81 2.29 4.05
N HIS A 35 -5.67 2.01 4.70
CA HIS A 35 -5.56 0.86 5.58
C HIS A 35 -6.01 1.21 7.00
N THR A 36 -5.74 2.45 7.41
CA THR A 36 -6.12 2.91 8.74
C THR A 36 -7.61 3.23 8.81
N GLY A 37 -8.41 2.26 9.23
CA GLY A 37 -9.84 2.47 9.33
C GLY A 37 -10.63 1.48 8.49
N GLU A 38 -10.33 0.19 8.66
CA GLU A 38 -11.01 -0.85 7.92
C GLU A 38 -11.90 -1.68 8.84
N LYS A 39 -13.00 -2.19 8.29
CA LYS A 39 -13.93 -3.01 9.06
C LYS A 39 -13.51 -4.48 9.04
N LEU A 40 -12.21 -4.72 9.17
CA LEU A 40 -11.69 -6.08 9.17
C LEU A 40 -11.37 -6.54 10.59
N SER A 41 -10.48 -5.83 11.26
CA SER A 41 -10.10 -6.17 12.63
C SER A 41 -11.30 -6.70 13.41
N GLY A 42 -11.15 -7.90 13.96
CA GLY A 42 -12.23 -8.51 14.74
C GLY A 42 -11.79 -9.74 15.48
N PRO A 43 -11.42 -10.79 14.74
CA PRO A 43 -10.96 -12.06 15.32
C PRO A 43 -9.60 -11.94 15.99
N SER A 44 -9.15 -13.03 16.59
CA SER A 44 -7.85 -13.04 17.27
C SER A 44 -6.84 -12.18 16.54
N SER A 45 -6.81 -12.30 15.21
CA SER A 45 -5.88 -11.54 14.39
C SER A 45 -5.84 -10.08 14.82
N GLY A 46 -4.71 -9.66 15.37
CA GLY A 46 -4.56 -8.29 15.82
C GLY A 46 -4.23 -7.34 14.69
ZN ZN B . -1.09 -0.64 1.61
N GLY A 1 -2.80 -17.27 -19.21
CA GLY A 1 -2.04 -16.54 -20.20
C GLY A 1 -1.21 -15.43 -19.60
N SER A 2 -0.62 -14.60 -20.46
CA SER A 2 0.21 -13.50 -20.01
C SER A 2 0.31 -12.41 -21.08
N SER A 3 0.64 -11.20 -20.66
CA SER A 3 0.77 -10.07 -21.58
C SER A 3 1.38 -8.87 -20.89
N GLY A 4 2.41 -8.29 -21.50
CA GLY A 4 3.07 -7.13 -20.92
C GLY A 4 4.52 -7.39 -20.58
N SER A 5 5.40 -6.55 -21.09
CA SER A 5 6.84 -6.70 -20.83
C SER A 5 7.25 -5.95 -19.58
N SER A 6 6.41 -6.04 -18.53
CA SER A 6 6.69 -5.37 -17.27
C SER A 6 8.19 -5.34 -16.99
N GLY A 7 8.79 -4.17 -17.14
CA GLY A 7 10.22 -4.03 -16.89
C GLY A 7 10.58 -4.26 -15.45
N SER A 8 11.57 -3.53 -14.96
CA SER A 8 12.01 -3.66 -13.57
C SER A 8 12.28 -2.29 -12.95
N GLY A 9 12.13 -2.21 -11.63
CA GLY A 9 12.36 -0.95 -10.94
C GLY A 9 11.72 -0.93 -9.56
N GLU A 10 12.47 -1.44 -8.57
CA GLU A 10 11.97 -1.48 -7.19
C GLU A 10 12.07 -0.09 -6.54
N LYS A 11 11.03 0.28 -5.81
CA LYS A 11 10.99 1.57 -5.13
C LYS A 11 11.56 1.45 -3.72
N PRO A 12 12.05 2.58 -3.18
CA PRO A 12 12.63 2.64 -1.84
C PRO A 12 11.58 2.46 -0.75
N TYR A 13 10.49 3.22 -0.86
CA TYR A 13 9.41 3.15 0.12
C TYR A 13 8.35 2.15 -0.31
N LYS A 14 7.85 1.37 0.64
CA LYS A 14 6.83 0.37 0.37
C LYS A 14 5.88 0.23 1.55
N CYS A 15 4.59 0.09 1.25
CA CYS A 15 3.57 -0.05 2.29
C CYS A 15 3.83 -1.29 3.13
N VAL A 16 3.32 -1.28 4.36
CA VAL A 16 3.50 -2.40 5.28
C VAL A 16 2.23 -3.24 5.37
N GLU A 17 1.13 -2.69 4.87
CA GLU A 17 -0.15 -3.39 4.90
C GLU A 17 -0.29 -4.32 3.70
N CYS A 18 0.04 -3.79 2.52
CA CYS A 18 -0.06 -4.57 1.28
C CYS A 18 1.34 -4.84 0.71
N GLY A 19 2.22 -3.84 0.80
CA GLY A 19 3.56 -3.99 0.28
C GLY A 19 3.79 -3.19 -0.99
N LYS A 20 2.87 -2.27 -1.28
CA LYS A 20 2.98 -1.44 -2.47
C LYS A 20 4.32 -0.72 -2.51
N GLY A 21 4.48 0.15 -3.51
CA GLY A 21 5.72 0.89 -3.64
C GLY A 21 5.51 2.31 -4.10
N TYR A 22 6.24 3.25 -3.52
CA TYR A 22 6.12 4.66 -3.87
C TYR A 22 7.49 5.33 -3.94
N LYS A 23 7.61 6.34 -4.78
CA LYS A 23 8.86 7.07 -4.94
C LYS A 23 8.94 8.24 -3.97
N ARG A 24 7.78 8.67 -3.47
CA ARG A 24 7.72 9.78 -2.54
C ARG A 24 7.08 9.35 -1.22
N ARG A 25 7.91 9.14 -0.20
CA ARG A 25 7.43 8.71 1.10
C ARG A 25 6.09 9.38 1.43
N LEU A 26 5.99 10.66 1.09
CA LEU A 26 4.76 11.42 1.34
C LEU A 26 3.57 10.77 0.66
N ASP A 27 3.74 10.39 -0.60
CA ASP A 27 2.68 9.76 -1.36
C ASP A 27 2.16 8.51 -0.65
N LEU A 28 3.08 7.59 -0.34
CA LEU A 28 2.72 6.36 0.35
C LEU A 28 2.10 6.65 1.71
N ASP A 29 2.72 7.55 2.47
CA ASP A 29 2.22 7.92 3.78
C ASP A 29 0.74 8.26 3.72
N PHE A 30 0.30 8.78 2.59
CA PHE A 30 -1.10 9.15 2.41
C PHE A 30 -1.92 7.96 1.96
N HIS A 31 -1.25 6.95 1.40
CA HIS A 31 -1.92 5.74 0.92
C HIS A 31 -2.42 4.91 2.09
N GLN A 32 -1.54 4.68 3.06
CA GLN A 32 -1.90 3.89 4.24
C GLN A 32 -3.27 4.29 4.79
N ARG A 33 -3.65 5.54 4.52
CA ARG A 33 -4.94 6.05 4.99
C ARG A 33 -6.05 5.05 4.70
N VAL A 34 -5.99 4.41 3.54
CA VAL A 34 -6.99 3.43 3.16
C VAL A 34 -7.02 2.25 4.14
N HIS A 35 -5.83 1.80 4.53
CA HIS A 35 -5.71 0.68 5.46
C HIS A 35 -6.25 1.06 6.84
N THR A 36 -5.99 2.29 7.26
CA THR A 36 -6.45 2.77 8.55
C THR A 36 -7.95 3.05 8.53
N GLY A 37 -8.74 2.03 8.84
CA GLY A 37 -10.18 2.19 8.86
C GLY A 37 -10.73 2.32 10.26
N GLU A 38 -9.95 1.91 11.25
CA GLU A 38 -10.37 1.99 12.64
C GLU A 38 -11.78 1.42 12.82
N LYS A 39 -11.99 0.23 12.30
CA LYS A 39 -13.29 -0.43 12.39
C LYS A 39 -13.15 -1.86 12.90
N LEU A 40 -12.27 -2.05 13.88
CA LEU A 40 -12.03 -3.37 14.46
C LEU A 40 -12.98 -3.63 15.63
N SER A 41 -13.30 -2.57 16.36
CA SER A 41 -14.19 -2.68 17.50
C SER A 41 -13.56 -3.53 18.61
N GLY A 42 -12.26 -3.32 18.83
CA GLY A 42 -11.55 -4.07 19.85
C GLY A 42 -10.07 -4.19 19.56
N PRO A 43 -9.36 -3.05 19.54
CA PRO A 43 -7.93 -3.01 19.28
C PRO A 43 -7.11 -3.62 20.41
N SER A 44 -7.38 -3.16 21.63
CA SER A 44 -6.66 -3.66 22.81
C SER A 44 -7.24 -3.07 24.08
N SER A 45 -7.95 -3.91 24.84
CA SER A 45 -8.57 -3.46 26.09
C SER A 45 -9.66 -2.42 25.82
N GLY A 46 -10.47 -2.68 24.81
CA GLY A 46 -11.55 -1.76 24.46
C GLY A 46 -12.07 -1.98 23.06
ZN ZN B . -1.05 -0.53 1.44
N GLY A 1 -2.20 -13.67 -5.40
CA GLY A 1 -0.95 -13.34 -6.07
C GLY A 1 -1.05 -13.47 -7.59
N SER A 2 -0.41 -12.54 -8.29
CA SER A 2 -0.44 -12.54 -9.75
C SER A 2 0.84 -11.94 -10.32
N SER A 3 1.09 -12.19 -11.60
CA SER A 3 2.27 -11.68 -12.27
C SER A 3 1.90 -10.82 -13.47
N GLY A 4 2.37 -9.57 -13.47
CA GLY A 4 2.07 -8.67 -14.56
C GLY A 4 1.92 -7.24 -14.11
N SER A 5 2.97 -6.43 -14.29
CA SER A 5 2.94 -5.03 -13.88
C SER A 5 4.18 -4.30 -14.38
N SER A 6 3.98 -3.41 -15.34
CA SER A 6 5.09 -2.64 -15.91
C SER A 6 5.63 -1.63 -14.90
N GLY A 7 6.55 -2.09 -14.05
CA GLY A 7 7.13 -1.21 -13.05
C GLY A 7 8.62 -1.42 -12.91
N SER A 8 9.32 -1.51 -14.04
CA SER A 8 10.77 -1.71 -14.03
C SER A 8 11.46 -0.64 -13.19
N GLY A 9 11.91 -1.03 -12.00
CA GLY A 9 12.58 -0.09 -11.12
C GLY A 9 11.99 -0.08 -9.73
N GLU A 10 12.50 -0.94 -8.86
CA GLU A 10 12.02 -1.02 -7.48
C GLU A 10 11.85 0.36 -6.88
N LYS A 11 10.99 0.47 -5.87
CA LYS A 11 10.74 1.74 -5.21
C LYS A 11 11.43 1.79 -3.84
N PRO A 12 11.77 3.00 -3.39
CA PRO A 12 12.44 3.21 -2.10
C PRO A 12 11.51 2.93 -0.93
N TYR A 13 10.32 3.49 -0.97
CA TYR A 13 9.34 3.30 0.09
C TYR A 13 8.29 2.27 -0.29
N LYS A 14 7.91 1.43 0.67
CA LYS A 14 6.91 0.38 0.41
C LYS A 14 5.98 0.23 1.61
N CYS A 15 4.69 0.11 1.33
CA CYS A 15 3.69 -0.05 2.39
C CYS A 15 3.94 -1.31 3.20
N VAL A 16 3.41 -1.35 4.42
CA VAL A 16 3.59 -2.50 5.30
C VAL A 16 2.32 -3.34 5.33
N GLU A 17 1.20 -2.75 4.93
CA GLU A 17 -0.08 -3.45 4.92
C GLU A 17 -0.22 -4.31 3.67
N CYS A 18 0.02 -3.71 2.51
CA CYS A 18 -0.08 -4.43 1.25
C CYS A 18 1.30 -4.73 0.68
N GLY A 19 2.21 -3.75 0.79
CA GLY A 19 3.56 -3.94 0.28
C GLY A 19 3.81 -3.16 -0.99
N LYS A 20 2.93 -2.21 -1.29
CA LYS A 20 3.06 -1.40 -2.49
C LYS A 20 4.41 -0.71 -2.53
N GLY A 21 4.61 0.14 -3.54
CA GLY A 21 5.87 0.86 -3.68
C GLY A 21 5.68 2.27 -4.21
N TYR A 22 6.07 3.25 -3.40
CA TYR A 22 5.93 4.65 -3.80
C TYR A 22 7.30 5.32 -3.89
N LYS A 23 7.53 6.04 -4.98
CA LYS A 23 8.79 6.73 -5.18
C LYS A 23 9.13 7.62 -3.99
N ARG A 24 8.11 8.27 -3.44
CA ARG A 24 8.30 9.14 -2.29
C ARG A 24 7.41 8.72 -1.14
N ARG A 25 7.96 8.75 0.09
CA ARG A 25 7.21 8.37 1.27
C ARG A 25 5.93 9.18 1.39
N LEU A 26 6.05 10.50 1.28
CA LEU A 26 4.90 11.39 1.37
C LEU A 26 3.67 10.77 0.72
N ASP A 27 3.83 10.34 -0.52
CA ASP A 27 2.73 9.72 -1.26
C ASP A 27 2.21 8.49 -0.53
N LEU A 28 3.14 7.59 -0.18
CA LEU A 28 2.78 6.37 0.52
C LEU A 28 2.01 6.67 1.81
N ASP A 29 2.56 7.55 2.64
CA ASP A 29 1.92 7.93 3.89
C ASP A 29 0.45 8.26 3.67
N PHE A 30 0.15 8.89 2.53
CA PHE A 30 -1.22 9.26 2.20
C PHE A 30 -2.03 8.04 1.79
N HIS A 31 -1.34 7.02 1.30
CA HIS A 31 -1.99 5.78 0.87
C HIS A 31 -2.46 4.96 2.07
N GLN A 32 -1.58 4.79 3.04
CA GLN A 32 -1.91 4.03 4.24
C GLN A 32 -3.28 4.42 4.79
N ARG A 33 -3.74 5.62 4.42
CA ARG A 33 -5.03 6.11 4.87
C ARG A 33 -6.13 5.09 4.60
N VAL A 34 -6.01 4.38 3.48
CA VAL A 34 -6.99 3.36 3.11
C VAL A 34 -6.97 2.20 4.09
N HIS A 35 -5.79 1.88 4.59
CA HIS A 35 -5.62 0.78 5.53
C HIS A 35 -6.12 1.17 6.92
N THR A 36 -5.91 2.44 7.28
CA THR A 36 -6.34 2.95 8.57
C THR A 36 -7.86 2.92 8.70
N GLY A 37 -8.55 3.18 7.59
CA GLY A 37 -10.00 3.18 7.61
C GLY A 37 -10.58 1.79 7.39
N GLU A 38 -9.98 0.80 8.04
CA GLU A 38 -10.43 -0.58 7.92
C GLU A 38 -11.22 -1.00 9.15
N LYS A 39 -12.18 -1.91 8.96
CA LYS A 39 -13.01 -2.40 10.06
C LYS A 39 -12.97 -3.93 10.13
N LEU A 40 -13.63 -4.47 11.14
CA LEU A 40 -13.67 -5.93 11.32
C LEU A 40 -14.63 -6.30 12.45
N SER A 41 -15.06 -7.56 12.46
CA SER A 41 -15.97 -8.05 13.48
C SER A 41 -15.21 -8.63 14.67
N GLY A 42 -15.79 -8.51 15.86
CA GLY A 42 -15.15 -9.03 17.05
C GLY A 42 -16.03 -8.92 18.27
N PRO A 43 -16.37 -7.68 18.66
CA PRO A 43 -17.22 -7.42 19.82
C PRO A 43 -18.67 -7.85 19.60
N SER A 44 -19.21 -7.50 18.45
CA SER A 44 -20.58 -7.84 18.11
C SER A 44 -20.63 -8.81 16.93
N SER A 45 -20.66 -10.10 17.23
CA SER A 45 -20.70 -11.13 16.20
C SER A 45 -21.63 -12.28 16.61
N GLY A 46 -21.89 -13.18 15.67
CA GLY A 46 -22.75 -14.31 15.95
C GLY A 46 -22.45 -15.51 15.06
ZN ZN B . -0.94 -0.39 1.62
N GLY A 1 2.81 -19.81 -20.59
CA GLY A 1 1.88 -18.77 -20.22
C GLY A 1 2.38 -17.90 -19.09
N SER A 2 3.51 -17.22 -19.32
CA SER A 2 4.10 -16.36 -18.31
C SER A 2 3.83 -14.89 -18.62
N SER A 3 2.98 -14.27 -17.81
CA SER A 3 2.62 -12.87 -18.00
C SER A 3 3.30 -11.99 -16.95
N GLY A 4 4.56 -11.67 -17.19
CA GLY A 4 5.31 -10.84 -16.25
C GLY A 4 5.42 -9.40 -16.72
N SER A 5 4.71 -8.50 -16.04
CA SER A 5 4.74 -7.08 -16.40
C SER A 5 6.17 -6.55 -16.43
N SER A 6 6.52 -5.85 -17.51
CA SER A 6 7.86 -5.30 -17.66
C SER A 6 7.80 -3.77 -17.72
N GLY A 7 8.90 -3.14 -17.32
CA GLY A 7 8.97 -1.69 -17.34
C GLY A 7 8.46 -1.07 -16.05
N SER A 8 8.88 -1.63 -14.92
CA SER A 8 8.48 -1.14 -13.62
C SER A 8 9.67 -0.98 -12.68
N GLY A 9 9.98 0.27 -12.33
CA GLY A 9 11.10 0.53 -11.45
C GLY A 9 10.72 0.44 -9.99
N GLU A 10 11.44 -0.42 -9.25
CA GLU A 10 11.17 -0.59 -7.82
C GLU A 10 11.31 0.73 -7.07
N LYS A 11 10.40 0.97 -6.14
CA LYS A 11 10.42 2.19 -5.34
C LYS A 11 11.19 1.98 -4.04
N PRO A 12 11.67 3.09 -3.46
CA PRO A 12 12.43 3.05 -2.20
C PRO A 12 11.55 2.68 -1.01
N TYR A 13 10.40 3.34 -0.91
CA TYR A 13 9.46 3.08 0.18
C TYR A 13 8.42 2.04 -0.22
N LYS A 14 7.93 1.30 0.77
CA LYS A 14 6.92 0.27 0.53
C LYS A 14 5.95 0.17 1.70
N CYS A 15 4.67 0.01 1.39
CA CYS A 15 3.64 -0.09 2.42
C CYS A 15 3.86 -1.35 3.27
N VAL A 16 3.29 -1.35 4.47
CA VAL A 16 3.42 -2.48 5.38
C VAL A 16 2.13 -3.31 5.42
N GLU A 17 1.03 -2.70 5.00
CA GLU A 17 -0.25 -3.37 4.99
C GLU A 17 -0.38 -4.30 3.77
N CYS A 18 -0.04 -3.76 2.61
CA CYS A 18 -0.11 -4.53 1.37
C CYS A 18 1.29 -4.82 0.82
N GLY A 19 2.17 -3.83 0.89
CA GLY A 19 3.52 -4.00 0.40
C GLY A 19 3.77 -3.24 -0.88
N LYS A 20 2.92 -2.27 -1.18
CA LYS A 20 3.05 -1.48 -2.39
C LYS A 20 4.39 -0.73 -2.40
N GLY A 21 4.58 0.09 -3.43
CA GLY A 21 5.82 0.85 -3.53
C GLY A 21 5.59 2.26 -4.06
N TYR A 22 6.14 3.24 -3.35
CA TYR A 22 5.99 4.64 -3.75
C TYR A 22 7.35 5.32 -3.89
N LYS A 23 7.49 6.17 -4.90
CA LYS A 23 8.74 6.87 -5.14
C LYS A 23 9.01 7.88 -4.02
N ARG A 24 7.95 8.51 -3.52
CA ARG A 24 8.07 9.49 -2.45
C ARG A 24 7.38 9.00 -1.18
N ARG A 25 8.04 9.19 -0.04
CA ARG A 25 7.49 8.76 1.24
C ARG A 25 6.12 9.40 1.48
N LEU A 26 6.02 10.69 1.21
CA LEU A 26 4.77 11.42 1.38
C LEU A 26 3.62 10.72 0.67
N ASP A 27 3.87 10.28 -0.56
CA ASP A 27 2.86 9.59 -1.35
C ASP A 27 2.34 8.36 -0.61
N LEU A 28 3.26 7.52 -0.17
CA LEU A 28 2.89 6.30 0.56
C LEU A 28 2.18 6.64 1.86
N ASP A 29 2.76 7.56 2.63
CA ASP A 29 2.17 7.97 3.90
C ASP A 29 0.68 8.29 3.74
N PHE A 30 0.32 8.79 2.56
CA PHE A 30 -1.07 9.14 2.28
C PHE A 30 -1.85 7.91 1.83
N HIS A 31 -1.14 6.90 1.35
CA HIS A 31 -1.77 5.67 0.88
C HIS A 31 -2.31 4.85 2.05
N GLN A 32 -1.47 4.66 3.06
CA GLN A 32 -1.86 3.90 4.25
C GLN A 32 -3.27 4.31 4.71
N ARG A 33 -3.66 5.54 4.39
CA ARG A 33 -4.97 6.04 4.79
C ARG A 33 -6.06 5.03 4.45
N VAL A 34 -5.91 4.37 3.30
CA VAL A 34 -6.88 3.37 2.85
C VAL A 34 -6.98 2.22 3.86
N HIS A 35 -5.83 1.80 4.37
CA HIS A 35 -5.79 0.70 5.33
C HIS A 35 -6.35 1.13 6.68
N THR A 36 -6.10 2.39 7.05
CA THR A 36 -6.58 2.94 8.31
C THR A 36 -8.09 3.15 8.27
N GLY A 37 -8.59 3.66 7.15
CA GLY A 37 -10.01 3.91 7.02
C GLY A 37 -10.77 2.67 6.58
N GLU A 38 -10.61 1.59 7.34
CA GLU A 38 -11.28 0.33 7.02
C GLU A 38 -12.50 0.12 7.93
N LYS A 39 -13.61 -0.28 7.33
CA LYS A 39 -14.84 -0.52 8.08
C LYS A 39 -14.58 -1.37 9.31
N LEU A 40 -15.40 -1.19 10.34
CA LEU A 40 -15.25 -1.96 11.58
C LEU A 40 -13.78 -2.24 11.86
N SER A 41 -12.96 -1.20 11.79
CA SER A 41 -11.53 -1.34 12.04
C SER A 41 -11.27 -2.28 13.22
N GLY A 42 -12.06 -2.12 14.27
CA GLY A 42 -11.90 -2.95 15.45
C GLY A 42 -12.83 -2.54 16.58
N PRO A 43 -12.62 -1.32 17.10
CA PRO A 43 -13.43 -0.77 18.20
C PRO A 43 -14.86 -0.46 17.76
N SER A 44 -15.73 -1.46 17.83
CA SER A 44 -17.12 -1.29 17.44
C SER A 44 -17.68 0.02 17.99
N SER A 45 -17.46 0.26 19.27
CA SER A 45 -17.95 1.47 19.92
C SER A 45 -17.20 2.70 19.39
N GLY A 46 -17.65 3.20 18.24
CA GLY A 46 -17.02 4.37 17.65
C GLY A 46 -17.92 5.59 17.69
ZN ZN B . -0.99 -0.52 1.63
N GLY A 1 -1.20 -14.31 -10.84
CA GLY A 1 -1.82 -13.18 -10.19
C GLY A 1 -2.35 -12.16 -11.17
N SER A 2 -1.52 -11.79 -12.14
CA SER A 2 -1.91 -10.82 -13.16
C SER A 2 -1.44 -11.25 -14.54
N SER A 3 -2.28 -11.01 -15.54
CA SER A 3 -1.96 -11.39 -16.91
C SER A 3 -0.63 -10.79 -17.35
N GLY A 4 -0.44 -9.52 -17.03
CA GLY A 4 0.80 -8.84 -17.38
C GLY A 4 1.92 -9.13 -16.41
N SER A 5 2.37 -8.10 -15.69
CA SER A 5 3.44 -8.25 -14.73
C SER A 5 3.53 -7.03 -13.81
N SER A 6 3.95 -7.26 -12.57
CA SER A 6 4.07 -6.18 -11.60
C SER A 6 5.49 -6.11 -11.04
N GLY A 7 6.38 -5.45 -11.78
CA GLY A 7 7.76 -5.31 -11.34
C GLY A 7 8.20 -3.87 -11.21
N SER A 8 7.89 -3.26 -10.07
CA SER A 8 8.24 -1.87 -9.83
C SER A 8 9.76 -1.71 -9.74
N GLY A 9 10.23 -0.50 -10.00
CA GLY A 9 11.66 -0.23 -9.95
C GLY A 9 12.18 -0.15 -8.53
N GLU A 10 12.11 -1.26 -7.81
CA GLU A 10 12.57 -1.32 -6.44
C GLU A 10 12.32 0.00 -5.72
N LYS A 11 11.07 0.47 -5.78
CA LYS A 11 10.70 1.72 -5.13
C LYS A 11 11.43 1.90 -3.82
N PRO A 12 11.66 3.17 -3.43
CA PRO A 12 12.35 3.50 -2.18
C PRO A 12 11.52 3.18 -0.95
N TYR A 13 10.22 3.47 -1.02
CA TYR A 13 9.33 3.21 0.09
C TYR A 13 8.26 2.18 -0.30
N LYS A 14 7.88 1.35 0.66
CA LYS A 14 6.87 0.33 0.42
C LYS A 14 5.91 0.22 1.60
N CYS A 15 4.64 -0.04 1.29
CA CYS A 15 3.62 -0.16 2.33
C CYS A 15 3.85 -1.41 3.18
N VAL A 16 3.32 -1.40 4.40
CA VAL A 16 3.47 -2.52 5.31
C VAL A 16 2.19 -3.35 5.38
N GLU A 17 1.08 -2.73 4.99
CA GLU A 17 -0.21 -3.41 5.01
C GLU A 17 -0.36 -4.33 3.80
N CYS A 18 -0.13 -3.78 2.62
CA CYS A 18 -0.24 -4.54 1.37
C CYS A 18 1.13 -4.87 0.81
N GLY A 19 2.04 -3.90 0.87
CA GLY A 19 3.38 -4.11 0.37
C GLY A 19 3.64 -3.36 -0.92
N LYS A 20 2.86 -2.31 -1.16
CA LYS A 20 3.00 -1.50 -2.36
C LYS A 20 4.35 -0.77 -2.37
N GLY A 21 4.54 0.08 -3.37
CA GLY A 21 5.78 0.83 -3.48
C GLY A 21 5.57 2.22 -4.04
N TYR A 22 6.15 3.22 -3.39
CA TYR A 22 6.02 4.60 -3.83
C TYR A 22 7.39 5.27 -3.93
N LYS A 23 7.55 6.14 -4.93
CA LYS A 23 8.80 6.84 -5.13
C LYS A 23 9.03 7.88 -4.04
N ARG A 24 7.94 8.50 -3.59
CA ARG A 24 8.03 9.52 -2.55
C ARG A 24 7.31 9.05 -1.28
N ARG A 25 8.01 9.09 -0.16
CA ARG A 25 7.44 8.66 1.12
C ARG A 25 6.11 9.36 1.38
N LEU A 26 6.09 10.68 1.19
CA LEU A 26 4.88 11.46 1.41
C LEU A 26 3.68 10.82 0.73
N ASP A 27 3.87 10.38 -0.52
CA ASP A 27 2.81 9.73 -1.27
C ASP A 27 2.27 8.52 -0.52
N LEU A 28 3.15 7.57 -0.24
CA LEU A 28 2.75 6.36 0.48
C LEU A 28 2.09 6.71 1.81
N ASP A 29 2.74 7.58 2.57
CA ASP A 29 2.20 8.00 3.87
C ASP A 29 0.70 8.28 3.77
N PHE A 30 0.27 8.82 2.64
CA PHE A 30 -1.14 9.14 2.43
C PHE A 30 -1.91 7.89 2.01
N HIS A 31 -1.21 6.94 1.41
CA HIS A 31 -1.84 5.71 0.96
C HIS A 31 -2.30 4.86 2.15
N GLN A 32 -1.41 4.69 3.11
CA GLN A 32 -1.72 3.89 4.30
C GLN A 32 -3.11 4.25 4.83
N ARG A 33 -3.57 5.44 4.51
CA ARG A 33 -4.89 5.90 4.95
C ARG A 33 -5.98 4.92 4.53
N VAL A 34 -5.87 4.41 3.31
CA VAL A 34 -6.84 3.46 2.79
C VAL A 34 -6.89 2.20 3.64
N HIS A 35 -5.81 1.94 4.37
CA HIS A 35 -5.73 0.77 5.24
C HIS A 35 -6.34 1.06 6.61
N THR A 36 -6.18 2.30 7.06
CA THR A 36 -6.71 2.70 8.36
C THR A 36 -8.07 3.38 8.21
N GLY A 37 -9.13 2.59 8.32
CA GLY A 37 -10.48 3.14 8.18
C GLY A 37 -11.52 2.27 8.87
N GLU A 38 -12.10 1.35 8.11
CA GLU A 38 -13.12 0.45 8.65
C GLU A 38 -12.53 -0.92 8.99
N LYS A 39 -11.53 -1.32 8.22
CA LYS A 39 -10.87 -2.60 8.43
C LYS A 39 -9.95 -2.56 9.64
N LEU A 40 -10.05 -3.56 10.50
CA LEU A 40 -9.23 -3.64 11.70
C LEU A 40 -7.75 -3.67 11.34
N SER A 41 -6.93 -3.01 12.16
CA SER A 41 -5.49 -2.97 11.93
C SER A 41 -4.84 -4.30 12.30
N GLY A 42 -3.62 -4.51 11.82
CA GLY A 42 -2.90 -5.75 12.12
C GLY A 42 -1.56 -5.49 12.75
N PRO A 43 -1.57 -4.94 13.97
CA PRO A 43 -0.34 -4.64 14.71
C PRO A 43 0.38 -5.90 15.18
N SER A 44 1.39 -6.32 14.43
CA SER A 44 2.15 -7.51 14.77
C SER A 44 3.64 -7.20 14.84
N SER A 45 4.02 -6.02 14.34
CA SER A 45 5.42 -5.60 14.35
C SER A 45 5.62 -4.39 15.26
N GLY A 46 4.84 -3.35 15.03
CA GLY A 46 4.95 -2.15 15.84
C GLY A 46 5.43 -0.95 15.04
ZN ZN B . -1.01 -0.45 1.45
N GLY A 1 -12.12 -9.27 -12.92
CA GLY A 1 -10.73 -9.22 -12.54
C GLY A 1 -9.81 -9.68 -13.67
N SER A 2 -9.06 -8.73 -14.23
CA SER A 2 -8.14 -9.05 -15.31
C SER A 2 -6.76 -8.45 -15.04
N SER A 3 -5.88 -9.27 -14.48
CA SER A 3 -4.52 -8.83 -14.15
C SER A 3 -3.50 -9.68 -14.89
N GLY A 4 -2.36 -9.08 -15.22
CA GLY A 4 -1.31 -9.80 -15.92
C GLY A 4 -0.15 -8.90 -16.31
N SER A 5 0.83 -8.79 -15.43
CA SER A 5 2.00 -7.95 -15.69
C SER A 5 3.26 -8.59 -15.11
N SER A 6 4.41 -8.24 -15.69
CA SER A 6 5.69 -8.78 -15.24
C SER A 6 6.64 -7.66 -14.86
N GLY A 7 6.56 -7.22 -13.61
CA GLY A 7 7.42 -6.14 -13.14
C GLY A 7 6.64 -4.93 -12.69
N SER A 8 6.59 -4.70 -11.39
CA SER A 8 5.87 -3.56 -10.83
C SER A 8 6.83 -2.45 -10.43
N GLY A 9 7.83 -2.22 -11.26
CA GLY A 9 8.80 -1.18 -10.99
C GLY A 9 9.55 -1.41 -9.68
N GLU A 10 10.36 -0.44 -9.28
CA GLU A 10 11.12 -0.55 -8.05
C GLU A 10 11.20 0.80 -7.34
N LYS A 11 10.82 0.81 -6.07
CA LYS A 11 10.83 2.03 -5.27
C LYS A 11 11.41 1.77 -3.88
N PRO A 12 11.99 2.81 -3.27
CA PRO A 12 12.59 2.71 -1.93
C PRO A 12 11.54 2.54 -0.84
N TYR A 13 10.52 3.39 -0.87
CA TYR A 13 9.45 3.34 0.12
C TYR A 13 8.37 2.35 -0.30
N LYS A 14 7.90 1.56 0.67
CA LYS A 14 6.86 0.56 0.39
C LYS A 14 5.91 0.44 1.58
N CYS A 15 4.66 0.08 1.29
CA CYS A 15 3.66 -0.06 2.34
C CYS A 15 3.91 -1.32 3.16
N VAL A 16 3.39 -1.34 4.39
CA VAL A 16 3.57 -2.47 5.28
C VAL A 16 2.28 -3.30 5.37
N GLU A 17 1.17 -2.70 4.96
CA GLU A 17 -0.12 -3.38 5.01
C GLU A 17 -0.29 -4.29 3.79
N CYS A 18 0.04 -3.77 2.61
CA CYS A 18 -0.08 -4.54 1.38
C CYS A 18 1.29 -4.81 0.78
N GLY A 19 2.17 -3.81 0.83
CA GLY A 19 3.50 -3.96 0.29
C GLY A 19 3.70 -3.16 -0.99
N LYS A 20 2.83 -2.19 -1.22
CA LYS A 20 2.92 -1.35 -2.40
C LYS A 20 4.25 -0.61 -2.46
N GLY A 21 4.46 0.15 -3.53
CA GLY A 21 5.70 0.90 -3.68
C GLY A 21 5.46 2.31 -4.14
N TYR A 22 6.13 3.26 -3.51
CA TYR A 22 5.99 4.67 -3.87
C TYR A 22 7.36 5.36 -3.93
N LYS A 23 7.57 6.12 -4.99
CA LYS A 23 8.84 6.83 -5.18
C LYS A 23 9.15 7.71 -3.97
N ARG A 24 8.13 8.36 -3.44
CA ARG A 24 8.29 9.23 -2.28
C ARG A 24 7.52 8.69 -1.07
N ARG A 25 7.97 9.06 0.12
CA ARG A 25 7.32 8.61 1.35
C ARG A 25 6.03 9.37 1.60
N LEU A 26 5.97 10.60 1.10
CA LEU A 26 4.79 11.44 1.26
C LEU A 26 3.57 10.81 0.59
N ASP A 27 3.77 10.33 -0.63
CA ASP A 27 2.68 9.69 -1.38
C ASP A 27 2.16 8.47 -0.65
N LEU A 28 3.07 7.56 -0.29
CA LEU A 28 2.69 6.34 0.42
C LEU A 28 2.04 6.67 1.75
N ASP A 29 2.69 7.53 2.53
CA ASP A 29 2.16 7.93 3.84
C ASP A 29 0.66 8.22 3.76
N PHE A 30 0.23 8.76 2.62
CA PHE A 30 -1.18 9.07 2.42
C PHE A 30 -1.96 7.85 1.96
N HIS A 31 -1.26 6.92 1.32
CA HIS A 31 -1.88 5.70 0.83
C HIS A 31 -2.40 4.84 1.98
N GLN A 32 -1.56 4.67 3.00
CA GLN A 32 -1.93 3.88 4.17
C GLN A 32 -3.30 4.29 4.70
N ARG A 33 -3.68 5.55 4.44
CA ARG A 33 -4.96 6.06 4.89
C ARG A 33 -6.08 5.07 4.60
N VAL A 34 -5.98 4.39 3.47
CA VAL A 34 -6.99 3.41 3.08
C VAL A 34 -7.02 2.23 4.05
N HIS A 35 -5.84 1.85 4.54
CA HIS A 35 -5.74 0.74 5.49
C HIS A 35 -6.26 1.14 6.86
N THR A 36 -6.00 2.38 7.25
CA THR A 36 -6.45 2.89 8.54
C THR A 36 -7.96 3.11 8.55
N GLY A 37 -8.70 2.10 8.97
CA GLY A 37 -10.15 2.20 9.02
C GLY A 37 -10.83 0.86 9.18
N GLU A 38 -10.31 -0.14 8.45
CA GLU A 38 -10.88 -1.48 8.51
C GLU A 38 -11.40 -1.80 9.91
N LYS A 39 -12.65 -2.25 9.98
CA LYS A 39 -13.28 -2.59 11.25
C LYS A 39 -12.60 -3.78 11.89
N LEU A 40 -12.86 -4.00 13.18
CA LEU A 40 -12.27 -5.11 13.91
C LEU A 40 -10.86 -5.42 13.39
N SER A 41 -10.11 -4.37 13.08
CA SER A 41 -8.76 -4.53 12.56
C SER A 41 -8.03 -5.65 13.31
N GLY A 42 -7.18 -6.38 12.59
CA GLY A 42 -6.43 -7.46 13.19
C GLY A 42 -5.11 -7.72 12.50
N PRO A 43 -4.07 -6.95 12.87
CA PRO A 43 -2.74 -7.07 12.28
C PRO A 43 -2.04 -8.36 12.70
N SER A 44 -2.03 -9.34 11.80
CA SER A 44 -1.40 -10.63 12.07
C SER A 44 -0.30 -10.91 11.07
N SER A 45 -0.59 -10.66 9.79
CA SER A 45 0.39 -10.91 8.73
C SER A 45 1.62 -10.03 8.91
N GLY A 46 2.63 -10.59 9.57
CA GLY A 46 3.86 -9.84 9.81
C GLY A 46 3.61 -8.48 10.42
ZN ZN B . -0.97 -0.48 1.51
N GLY A 1 3.57 -26.19 -9.72
CA GLY A 1 2.84 -25.68 -10.87
C GLY A 1 2.54 -24.21 -10.77
N SER A 2 1.68 -23.84 -9.82
CA SER A 2 1.30 -22.45 -9.63
C SER A 2 2.53 -21.55 -9.64
N SER A 3 2.49 -20.51 -10.47
CA SER A 3 3.59 -19.58 -10.60
C SER A 3 3.10 -18.13 -10.46
N GLY A 4 3.33 -17.54 -9.30
CA GLY A 4 2.91 -16.18 -9.06
C GLY A 4 3.68 -15.18 -9.91
N SER A 5 4.07 -14.07 -9.29
CA SER A 5 4.81 -13.03 -10.00
C SER A 5 5.64 -12.20 -9.03
N SER A 6 6.78 -11.71 -9.50
CA SER A 6 7.67 -10.90 -8.67
C SER A 6 7.86 -9.52 -9.27
N GLY A 7 7.98 -8.52 -8.40
CA GLY A 7 8.17 -7.15 -8.86
C GLY A 7 9.41 -6.99 -9.70
N SER A 8 9.30 -6.19 -10.76
CA SER A 8 10.43 -5.95 -11.66
C SER A 8 11.22 -4.72 -11.22
N GLY A 9 10.50 -3.65 -10.91
CA GLY A 9 11.15 -2.41 -10.48
C GLY A 9 11.26 -2.31 -8.97
N GLU A 10 12.25 -1.57 -8.50
CA GLU A 10 12.47 -1.39 -7.07
C GLU A 10 12.11 0.03 -6.63
N LYS A 11 11.60 0.16 -5.42
CA LYS A 11 11.21 1.47 -4.88
C LYS A 11 11.81 1.68 -3.50
N PRO A 12 12.03 2.96 -3.14
CA PRO A 12 12.61 3.33 -1.84
C PRO A 12 11.64 3.07 -0.69
N TYR A 13 10.41 3.56 -0.83
CA TYR A 13 9.39 3.38 0.20
C TYR A 13 8.35 2.36 -0.23
N LYS A 14 7.85 1.59 0.73
CA LYS A 14 6.85 0.57 0.45
C LYS A 14 5.92 0.39 1.64
N CYS A 15 4.64 0.14 1.36
CA CYS A 15 3.65 -0.06 2.40
C CYS A 15 3.91 -1.35 3.16
N VAL A 16 3.38 -1.44 4.38
CA VAL A 16 3.55 -2.62 5.21
C VAL A 16 2.26 -3.44 5.27
N GLU A 17 1.14 -2.81 4.94
CA GLU A 17 -0.15 -3.48 4.95
C GLU A 17 -0.33 -4.35 3.71
N CYS A 18 -0.02 -3.78 2.56
CA CYS A 18 -0.14 -4.50 1.29
C CYS A 18 1.23 -4.70 0.64
N GLY A 19 2.06 -3.67 0.71
CA GLY A 19 3.39 -3.75 0.13
C GLY A 19 3.53 -2.89 -1.11
N LYS A 20 2.65 -1.92 -1.26
CA LYS A 20 2.68 -1.01 -2.40
C LYS A 20 4.03 -0.31 -2.50
N GLY A 21 4.33 0.22 -3.68
CA GLY A 21 5.59 0.91 -3.89
C GLY A 21 5.38 2.34 -4.36
N TYR A 22 5.83 3.29 -3.55
CA TYR A 22 5.70 4.70 -3.88
C TYR A 22 7.07 5.36 -4.01
N LYS A 23 7.31 5.98 -5.16
CA LYS A 23 8.58 6.65 -5.42
C LYS A 23 9.00 7.49 -4.22
N ARG A 24 8.03 8.17 -3.61
CA ARG A 24 8.29 9.01 -2.45
C ARG A 24 7.49 8.55 -1.24
N ARG A 25 7.94 8.93 -0.05
CA ARG A 25 7.26 8.55 1.18
C ARG A 25 5.96 9.34 1.34
N LEU A 26 6.04 10.65 1.20
CA LEU A 26 4.87 11.51 1.33
C LEU A 26 3.65 10.87 0.65
N ASP A 27 3.86 10.35 -0.54
CA ASP A 27 2.79 9.70 -1.30
C ASP A 27 2.26 8.48 -0.55
N LEU A 28 3.18 7.60 -0.15
CA LEU A 28 2.81 6.38 0.57
C LEU A 28 2.07 6.72 1.86
N ASP A 29 2.67 7.59 2.67
CA ASP A 29 2.07 7.99 3.94
C ASP A 29 0.57 8.26 3.77
N PHE A 30 0.21 8.84 2.63
CA PHE A 30 -1.18 9.15 2.35
C PHE A 30 -1.94 7.91 1.90
N HIS A 31 -1.21 6.97 1.31
CA HIS A 31 -1.81 5.72 0.83
C HIS A 31 -2.33 4.88 1.99
N GLN A 32 -1.47 4.68 2.99
CA GLN A 32 -1.85 3.90 4.17
C GLN A 32 -3.24 4.28 4.66
N ARG A 33 -3.63 5.52 4.41
CA ARG A 33 -4.93 6.01 4.83
C ARG A 33 -6.02 4.96 4.58
N VAL A 34 -5.90 4.24 3.47
CA VAL A 34 -6.86 3.21 3.12
C VAL A 34 -6.87 2.09 4.15
N HIS A 35 -5.67 1.70 4.60
CA HIS A 35 -5.54 0.64 5.61
C HIS A 35 -6.03 1.11 6.96
N THR A 36 -5.74 2.37 7.29
CA THR A 36 -6.15 2.95 8.57
C THR A 36 -7.65 3.16 8.62
N GLY A 37 -8.33 2.34 9.42
CA GLY A 37 -9.77 2.45 9.56
C GLY A 37 -10.20 2.88 10.94
N GLU A 38 -9.65 4.00 11.41
CA GLU A 38 -9.97 4.51 12.74
C GLU A 38 -10.77 5.81 12.63
N LYS A 39 -12.04 5.70 12.26
CA LYS A 39 -12.90 6.86 12.13
C LYS A 39 -14.29 6.57 12.69
N LEU A 40 -15.01 7.62 13.06
CA LEU A 40 -16.36 7.48 13.61
C LEU A 40 -17.18 6.51 12.78
N SER A 41 -17.04 6.58 11.47
CA SER A 41 -17.76 5.70 10.56
C SER A 41 -17.95 4.32 11.18
N GLY A 42 -19.09 3.70 10.89
CA GLY A 42 -19.37 2.37 11.43
C GLY A 42 -20.36 1.61 10.58
N PRO A 43 -21.64 2.03 10.62
CA PRO A 43 -22.71 1.39 9.86
C PRO A 43 -22.59 1.63 8.36
N SER A 44 -23.43 0.96 7.59
CA SER A 44 -23.40 1.09 6.14
C SER A 44 -22.12 0.51 5.55
N SER A 45 -21.66 -0.60 6.14
CA SER A 45 -20.44 -1.25 5.68
C SER A 45 -20.72 -2.69 5.27
N GLY A 46 -21.38 -3.44 6.16
CA GLY A 46 -21.70 -4.82 5.88
C GLY A 46 -20.81 -5.79 6.63
ZN ZN B . -0.97 -0.48 1.64
N GLY A 1 1.30 -21.21 -21.58
CA GLY A 1 2.67 -21.23 -22.05
C GLY A 1 3.37 -19.90 -21.84
N SER A 2 3.76 -19.64 -20.61
CA SER A 2 4.44 -18.38 -20.28
C SER A 2 5.92 -18.63 -19.97
N SER A 3 6.69 -17.55 -19.93
CA SER A 3 8.13 -17.66 -19.64
C SER A 3 8.44 -17.07 -18.28
N GLY A 4 7.59 -17.36 -17.30
CA GLY A 4 7.81 -16.82 -15.95
C GLY A 4 7.30 -15.41 -15.79
N SER A 5 7.51 -14.84 -14.61
CA SER A 5 7.07 -13.48 -14.33
C SER A 5 8.26 -12.56 -14.04
N SER A 6 8.42 -11.54 -14.87
CA SER A 6 9.52 -10.59 -14.69
C SER A 6 9.02 -9.16 -14.81
N GLY A 7 7.90 -8.87 -14.17
CA GLY A 7 7.34 -7.54 -14.21
C GLY A 7 7.13 -6.95 -12.82
N SER A 8 8.14 -6.23 -12.33
CA SER A 8 8.07 -5.62 -11.01
C SER A 8 9.27 -4.71 -10.77
N GLY A 9 9.00 -3.41 -10.66
CA GLY A 9 10.06 -2.45 -10.43
C GLY A 9 10.57 -2.47 -9.00
N GLU A 10 11.49 -1.56 -8.69
CA GLU A 10 12.05 -1.49 -7.35
C GLU A 10 12.02 -0.05 -6.81
N LYS A 11 11.20 0.16 -5.79
CA LYS A 11 11.06 1.47 -5.19
C LYS A 11 11.66 1.50 -3.78
N PRO A 12 12.07 2.69 -3.33
CA PRO A 12 12.66 2.88 -2.00
C PRO A 12 11.64 2.70 -0.88
N TYR A 13 10.51 3.38 -1.00
CA TYR A 13 9.45 3.31 0.00
C TYR A 13 8.44 2.22 -0.35
N LYS A 14 8.00 1.48 0.66
CA LYS A 14 7.04 0.41 0.46
C LYS A 14 6.05 0.33 1.63
N CYS A 15 4.80 0.03 1.32
CA CYS A 15 3.76 -0.08 2.35
C CYS A 15 3.97 -1.32 3.21
N VAL A 16 3.44 -1.29 4.42
CA VAL A 16 3.57 -2.42 5.34
C VAL A 16 2.25 -3.19 5.44
N GLU A 17 1.18 -2.57 4.97
CA GLU A 17 -0.14 -3.20 5.01
C GLU A 17 -0.32 -4.17 3.84
N CYS A 18 0.08 -3.73 2.65
CA CYS A 18 -0.03 -4.56 1.45
C CYS A 18 1.34 -4.79 0.82
N GLY A 19 2.18 -3.76 0.85
CA GLY A 19 3.51 -3.88 0.28
C GLY A 19 3.68 -3.02 -0.95
N LYS A 20 2.71 -2.16 -1.22
CA LYS A 20 2.76 -1.28 -2.38
C LYS A 20 4.05 -0.47 -2.40
N GLY A 21 4.37 0.10 -3.56
CA GLY A 21 5.58 0.90 -3.68
C GLY A 21 5.29 2.31 -4.16
N TYR A 22 5.98 3.28 -3.56
CA TYR A 22 5.79 4.67 -3.92
C TYR A 22 7.13 5.37 -4.13
N LYS A 23 7.18 6.25 -5.13
CA LYS A 23 8.41 6.98 -5.45
C LYS A 23 8.85 7.82 -4.25
N ARG A 24 7.90 8.47 -3.59
CA ARG A 24 8.20 9.30 -2.44
C ARG A 24 7.47 8.80 -1.20
N ARG A 25 8.01 9.12 -0.03
CA ARG A 25 7.41 8.69 1.23
C ARG A 25 6.06 9.36 1.45
N LEU A 26 6.05 10.69 1.45
CA LEU A 26 4.82 11.45 1.65
C LEU A 26 3.65 10.79 0.92
N ASP A 27 3.88 10.40 -0.33
CA ASP A 27 2.85 9.76 -1.13
C ASP A 27 2.31 8.52 -0.42
N LEU A 28 3.20 7.57 -0.15
CA LEU A 28 2.81 6.34 0.52
C LEU A 28 2.15 6.63 1.87
N ASP A 29 2.70 7.59 2.60
CA ASP A 29 2.15 7.97 3.90
C ASP A 29 0.66 8.28 3.79
N PHE A 30 0.26 8.82 2.65
CA PHE A 30 -1.14 9.18 2.42
C PHE A 30 -1.93 7.96 1.95
N HIS A 31 -1.22 6.95 1.45
CA HIS A 31 -1.86 5.74 0.96
C HIS A 31 -2.40 4.90 2.11
N GLN A 32 -1.56 4.70 3.12
CA GLN A 32 -1.94 3.91 4.29
C GLN A 32 -3.36 4.26 4.74
N ARG A 33 -3.80 5.47 4.37
CA ARG A 33 -5.13 5.93 4.74
C ARG A 33 -6.19 4.87 4.41
N VAL A 34 -6.06 4.28 3.23
CA VAL A 34 -7.00 3.26 2.79
C VAL A 34 -6.97 2.04 3.71
N HIS A 35 -5.83 1.84 4.37
CA HIS A 35 -5.67 0.71 5.28
C HIS A 35 -6.22 1.05 6.66
N THR A 36 -6.06 2.30 7.07
CA THR A 36 -6.54 2.75 8.37
C THR A 36 -8.07 2.87 8.38
N GLY A 37 -8.62 3.45 7.33
CA GLY A 37 -10.06 3.61 7.23
C GLY A 37 -10.78 2.29 7.05
N GLU A 38 -11.97 2.35 6.47
CA GLU A 38 -12.77 1.15 6.24
C GLU A 38 -12.84 0.81 4.77
N LYS A 39 -11.84 0.08 4.28
CA LYS A 39 -11.80 -0.31 2.87
C LYS A 39 -10.83 -1.47 2.67
N LEU A 40 -11.22 -2.41 1.81
CA LEU A 40 -10.39 -3.57 1.52
C LEU A 40 -10.36 -3.87 0.02
N SER A 41 -9.23 -3.60 -0.62
CA SER A 41 -9.08 -3.83 -2.05
C SER A 41 -8.06 -4.93 -2.31
N GLY A 42 -8.53 -6.08 -2.74
CA GLY A 42 -7.64 -7.20 -3.03
C GLY A 42 -8.36 -8.38 -3.64
N PRO A 43 -9.25 -9.01 -2.86
CA PRO A 43 -10.03 -10.17 -3.31
C PRO A 43 -11.08 -9.79 -4.35
N SER A 44 -10.98 -10.40 -5.53
CA SER A 44 -11.92 -10.12 -6.61
C SER A 44 -11.83 -11.19 -7.70
N SER A 45 -12.98 -11.61 -8.20
CA SER A 45 -13.04 -12.64 -9.25
C SER A 45 -12.29 -12.17 -10.49
N GLY A 46 -12.28 -10.86 -10.72
CA GLY A 46 -11.61 -10.31 -11.88
C GLY A 46 -12.45 -10.40 -13.14
ZN ZN B . -0.83 -0.54 1.48
N GLY A 1 3.10 -22.39 -15.14
CA GLY A 1 3.79 -21.11 -15.13
C GLY A 1 2.84 -19.94 -15.06
N SER A 2 3.36 -18.77 -14.70
CA SER A 2 2.54 -17.56 -14.60
C SER A 2 3.37 -16.32 -14.90
N SER A 3 2.78 -15.39 -15.64
CA SER A 3 3.46 -14.16 -16.00
C SER A 3 2.54 -12.95 -15.81
N GLY A 4 3.14 -11.80 -15.49
CA GLY A 4 2.36 -10.60 -15.28
C GLY A 4 3.18 -9.49 -14.65
N SER A 5 2.51 -8.61 -13.90
CA SER A 5 3.17 -7.50 -13.24
C SER A 5 4.20 -6.86 -14.16
N SER A 6 3.84 -6.70 -15.43
CA SER A 6 4.74 -6.11 -16.41
C SER A 6 4.64 -4.59 -16.39
N GLY A 7 5.72 -3.92 -16.77
CA GLY A 7 5.73 -2.47 -16.78
C GLY A 7 5.65 -1.88 -15.39
N SER A 8 6.69 -2.08 -14.60
CA SER A 8 6.74 -1.58 -13.24
C SER A 8 8.09 -0.94 -12.94
N GLY A 9 8.14 -0.10 -11.90
CA GLY A 9 9.37 0.56 -11.53
C GLY A 9 9.90 0.10 -10.19
N GLU A 10 10.80 0.88 -9.60
CA GLU A 10 11.39 0.54 -8.32
C GLU A 10 11.30 1.72 -7.35
N LYS A 11 10.57 1.54 -6.27
CA LYS A 11 10.40 2.59 -5.27
C LYS A 11 11.08 2.20 -3.95
N PRO A 12 11.72 3.19 -3.31
CA PRO A 12 12.41 2.97 -2.03
C PRO A 12 11.45 2.69 -0.88
N TYR A 13 10.37 3.48 -0.81
CA TYR A 13 9.38 3.32 0.24
C TYR A 13 8.29 2.34 -0.19
N LYS A 14 7.93 1.44 0.71
CA LYS A 14 6.90 0.45 0.43
C LYS A 14 5.96 0.28 1.63
N CYS A 15 4.68 0.05 1.34
CA CYS A 15 3.69 -0.13 2.40
C CYS A 15 3.97 -1.40 3.20
N VAL A 16 3.46 -1.45 4.42
CA VAL A 16 3.65 -2.62 5.29
C VAL A 16 2.38 -3.45 5.36
N GLU A 17 1.25 -2.84 5.02
CA GLU A 17 -0.04 -3.54 5.05
C GLU A 17 -0.21 -4.41 3.81
N CYS A 18 0.00 -3.81 2.64
CA CYS A 18 -0.13 -4.53 1.38
C CYS A 18 1.23 -4.84 0.78
N GLY A 19 2.13 -3.87 0.82
CA GLY A 19 3.47 -4.07 0.28
C GLY A 19 3.70 -3.27 -0.98
N LYS A 20 2.86 -2.26 -1.21
CA LYS A 20 2.98 -1.41 -2.38
C LYS A 20 4.33 -0.70 -2.42
N GLY A 21 4.53 0.15 -3.41
CA GLY A 21 5.77 0.88 -3.53
C GLY A 21 5.58 2.27 -4.09
N TYR A 22 6.04 3.27 -3.33
CA TYR A 22 5.92 4.67 -3.76
C TYR A 22 7.28 5.33 -3.84
N LYS A 23 7.54 6.02 -4.95
CA LYS A 23 8.80 6.71 -5.15
C LYS A 23 9.16 7.57 -3.94
N ARG A 24 8.17 8.32 -3.45
CA ARG A 24 8.37 9.19 -2.30
C ARG A 24 7.50 8.74 -1.13
N ARG A 25 8.09 8.70 0.06
CA ARG A 25 7.38 8.29 1.26
C ARG A 25 6.08 9.09 1.42
N LEU A 26 6.17 10.40 1.20
CA LEU A 26 5.01 11.28 1.32
C LEU A 26 3.79 10.65 0.64
N ASP A 27 3.95 10.21 -0.59
CA ASP A 27 2.87 9.58 -1.34
C ASP A 27 2.33 8.36 -0.60
N LEU A 28 3.24 7.50 -0.15
CA LEU A 28 2.85 6.29 0.57
C LEU A 28 2.07 6.64 1.83
N ASP A 29 2.61 7.54 2.64
CA ASP A 29 1.97 7.97 3.87
C ASP A 29 0.51 8.31 3.63
N PHE A 30 0.22 8.86 2.44
CA PHE A 30 -1.13 9.25 2.08
C PHE A 30 -1.95 8.03 1.65
N HIS A 31 -1.25 6.98 1.22
CA HIS A 31 -1.91 5.76 0.79
C HIS A 31 -2.46 4.98 1.97
N GLN A 32 -1.63 4.79 2.99
CA GLN A 32 -2.04 4.07 4.19
C GLN A 32 -3.43 4.51 4.65
N ARG A 33 -3.83 5.70 4.23
CA ARG A 33 -5.13 6.24 4.60
C ARG A 33 -6.23 5.19 4.39
N VAL A 34 -6.04 4.33 3.40
CA VAL A 34 -7.00 3.29 3.10
C VAL A 34 -6.94 2.16 4.13
N HIS A 35 -5.72 1.85 4.59
CA HIS A 35 -5.52 0.80 5.57
C HIS A 35 -6.00 1.24 6.94
N THR A 36 -5.86 2.53 7.23
CA THR A 36 -6.28 3.08 8.52
C THR A 36 -7.78 3.35 8.54
N GLY A 37 -8.23 4.17 7.60
CA GLY A 37 -9.65 4.51 7.52
C GLY A 37 -10.16 5.15 8.79
N GLU A 38 -11.46 5.00 9.05
CA GLU A 38 -12.07 5.57 10.23
C GLU A 38 -12.35 4.49 11.27
N LYS A 39 -11.92 4.72 12.51
CA LYS A 39 -12.12 3.77 13.59
C LYS A 39 -12.50 4.49 14.88
N LEU A 40 -13.72 4.25 15.35
CA LEU A 40 -14.21 4.87 16.58
C LEU A 40 -14.66 3.82 17.58
N SER A 41 -14.97 2.63 17.08
CA SER A 41 -15.41 1.53 17.94
C SER A 41 -14.27 0.56 18.21
N GLY A 42 -14.49 -0.35 19.15
CA GLY A 42 -13.47 -1.33 19.50
C GLY A 42 -13.56 -1.78 20.94
N PRO A 43 -14.64 -2.48 21.28
CA PRO A 43 -14.87 -2.98 22.65
C PRO A 43 -13.89 -4.10 23.02
N SER A 44 -13.51 -4.90 22.02
CA SER A 44 -12.58 -6.00 22.25
C SER A 44 -11.16 -5.59 21.93
N SER A 45 -10.27 -5.72 22.90
CA SER A 45 -8.87 -5.36 22.73
C SER A 45 -7.95 -6.43 23.31
N GLY A 46 -6.77 -6.58 22.70
CA GLY A 46 -5.82 -7.58 23.18
C GLY A 46 -4.53 -7.57 22.39
ZN ZN B . -0.97 -0.45 1.69
#